data_1B8D
#
_entry.id   1B8D
#
_cell.length_a   187.350
_cell.length_b   187.350
_cell.length_c   59.310
_cell.angle_alpha   90.00
_cell.angle_beta   90.00
_cell.angle_gamma   120.00
#
_symmetry.space_group_name_H-M   'H 3'
#
loop_
_entity.id
_entity.type
_entity.pdbx_description
1 polymer 'PROTEIN (RHODOPHYTAN PHYCOERYTHRIN (ALPHA CHAIN))'
2 polymer 'PROTEIN (RHODOPHYTAN PHYCOERYTHRIN (BETA CHAIN))'
3 polymer 'PROTEIN (RHODOPHYTAN PHYCOERYTHRIN (GAMMA CHAIN))'
4 non-polymer PHYCOERYTHROBILIN
5 non-polymer PHYCOUROBILIN
6 water water
#
loop_
_entity_poly.entity_id
_entity_poly.type
_entity_poly.pdbx_seq_one_letter_code
_entity_poly.pdbx_strand_id
1 'polypeptide(L)'
;MKSVITTTISAADAAGRFPSSSDLESIQGNIQRAAARLEAAQKLSGNHEAVVKEAGDACFAKYSYLKNAGEAGDSPEKIN
KCYRDIDHYMRLINYSLVVGGTGPVDEWGIAGSREVYRALNLPGSAYIAAFTFTRDRLCVPRDMSSQAGVEFTSALDYVI
NSLC
;
A,K
2 'polypeptide(L)'
;MLDAFSRVVVTSDAKAAYVGGSDLQSLKSFINDGNKRLDAVNYIVSNASCIVSDAVSGMICENPGLIAPGG(MEN)CYTN
RRMAACLRDGEIILRYVSYALLAGDSSVLDDRCLNGLKETYIALGVPTASSSRAVSIMKATATAFITNTASGRKVEVAAG
DCQALQAEAASYFDKVGSSID
;
B,L
3 'polypeptide(L)' GY(UNK)(UNK)Y(UNK) G
#
loop_
_chem_comp.id
_chem_comp.type
_chem_comp.name
_chem_comp.formula
PEB non-polymer PHYCOERYTHROBILIN 'C33 H40 N4 O6'
PUB non-polymer PHYCOUROBILIN 'C33 H42 N4 O6'
#
# COMPACT_ATOMS: atom_id res chain seq x y z
N MET A 1 -10.40 -0.16 8.35
CA MET A 1 -11.03 -1.02 7.30
C MET A 1 -9.99 -1.15 6.20
N LYS A 2 -9.31 -2.29 6.19
CA LYS A 2 -8.24 -2.61 5.25
C LYS A 2 -8.63 -2.40 3.77
N SER A 3 -7.93 -1.50 3.11
CA SER A 3 -8.12 -1.21 1.70
C SER A 3 -6.78 -0.68 1.22
N VAL A 4 -6.67 -0.39 -0.07
CA VAL A 4 -5.43 0.14 -0.63
C VAL A 4 -5.20 1.49 0.01
N ILE A 5 -6.25 2.31 0.05
CA ILE A 5 -6.17 3.65 0.65
C ILE A 5 -5.78 3.64 2.14
N THR A 6 -6.44 2.84 2.97
CA THR A 6 -6.12 2.84 4.40
C THR A 6 -4.79 2.19 4.69
N THR A 7 -4.43 1.17 3.93
CA THR A 7 -3.14 0.50 4.11
C THR A 7 -2.00 1.48 3.80
N THR A 8 -2.13 2.18 2.68
CA THR A 8 -1.12 3.14 2.26
C THR A 8 -1.02 4.29 3.26
N ILE A 9 -2.16 4.84 3.64
CA ILE A 9 -2.16 5.95 4.59
C ILE A 9 -1.62 5.52 5.98
N SER A 10 -1.99 4.32 6.45
CA SER A 10 -1.49 3.86 7.74
C SER A 10 0.02 3.67 7.75
N ALA A 11 0.57 3.20 6.62
CA ALA A 11 2.01 3.00 6.51
C ALA A 11 2.72 4.36 6.55
N ALA A 12 2.16 5.34 5.84
CA ALA A 12 2.72 6.70 5.82
C ALA A 12 2.57 7.37 7.19
N ASP A 13 1.43 7.16 7.83
CA ASP A 13 1.19 7.75 9.14
C ASP A 13 2.17 7.19 10.18
N ALA A 14 2.45 5.89 10.11
CA ALA A 14 3.38 5.27 11.06
C ALA A 14 4.78 5.86 10.95
N ALA A 15 5.16 6.23 9.73
CA ALA A 15 6.47 6.81 9.49
C ALA A 15 6.44 8.34 9.59
N GLY A 16 5.27 8.92 9.85
CA GLY A 16 5.11 10.36 9.94
C GLY A 16 5.41 11.05 8.60
N ARG A 17 5.01 10.42 7.50
CA ARG A 17 5.28 10.95 6.17
C ARG A 17 4.05 11.47 5.47
N PHE A 18 4.23 12.47 4.62
CA PHE A 18 3.14 12.97 3.81
C PHE A 18 2.99 11.93 2.71
N PRO A 19 1.81 11.88 2.06
CA PRO A 19 1.71 10.89 0.98
C PRO A 19 2.84 11.24 -0.02
N SER A 20 3.42 10.23 -0.66
CA SER A 20 4.49 10.45 -1.62
C SER A 20 4.13 9.63 -2.86
N SER A 21 5.07 9.51 -3.80
CA SER A 21 4.84 8.82 -5.07
C SER A 21 4.17 7.46 -4.99
N SER A 22 4.80 6.53 -4.26
CA SER A 22 4.26 5.19 -4.14
C SER A 22 2.84 5.18 -3.57
N ASP A 23 2.49 6.14 -2.70
CA ASP A 23 1.16 6.18 -2.13
C ASP A 23 0.15 6.55 -3.20
N LEU A 24 0.53 7.54 -4.01
CA LEU A 24 -0.34 7.99 -5.07
C LEU A 24 -0.52 6.88 -6.11
N GLU A 25 0.58 6.20 -6.43
CA GLU A 25 0.58 5.13 -7.41
C GLU A 25 -0.28 3.94 -6.95
N SER A 26 -0.26 3.67 -5.64
CA SER A 26 -1.07 2.59 -5.08
C SER A 26 -2.54 2.82 -5.40
N ILE A 27 -3.01 4.06 -5.18
CA ILE A 27 -4.40 4.42 -5.44
C ILE A 27 -4.79 4.37 -6.91
N GLN A 28 -3.81 4.46 -7.80
CA GLN A 28 -4.09 4.33 -9.22
C GLN A 28 -4.56 2.88 -9.43
N GLY A 29 -4.16 1.97 -8.53
CA GLY A 29 -4.58 0.59 -8.61
C GLY A 29 -6.09 0.52 -8.40
N ASN A 30 -6.59 1.37 -7.51
CA ASN A 30 -8.02 1.48 -7.21
C ASN A 30 -8.74 1.85 -8.50
N ILE A 31 -8.36 3.01 -9.03
CA ILE A 31 -8.93 3.55 -10.25
C ILE A 31 -9.01 2.49 -11.35
N GLN A 32 -7.99 1.66 -11.45
CA GLN A 32 -7.95 0.62 -12.48
C GLN A 32 -8.78 -0.61 -12.21
N ARG A 33 -8.78 -1.07 -10.97
CA ARG A 33 -9.48 -2.29 -10.64
C ARG A 33 -10.93 -2.15 -10.16
N ALA A 34 -11.35 -0.94 -9.80
CA ALA A 34 -12.69 -0.69 -9.28
C ALA A 34 -13.80 -1.23 -10.15
N ALA A 35 -13.62 -1.09 -11.46
CA ALA A 35 -14.62 -1.54 -12.42
C ALA A 35 -14.98 -3.00 -12.25
N ALA A 36 -13.98 -3.87 -12.18
CA ALA A 36 -14.24 -5.30 -12.03
C ALA A 36 -14.92 -5.63 -10.70
N ARG A 37 -14.38 -5.14 -9.58
CA ARG A 37 -14.98 -5.45 -8.29
C ARG A 37 -16.33 -4.81 -8.06
N LEU A 38 -16.52 -3.58 -8.51
CA LEU A 38 -17.82 -2.93 -8.34
C LEU A 38 -18.89 -3.66 -9.17
N GLU A 39 -18.50 -4.24 -10.30
CA GLU A 39 -19.47 -4.98 -11.12
C GLU A 39 -19.90 -6.20 -10.32
N ALA A 40 -18.92 -6.92 -9.76
CA ALA A 40 -19.19 -8.12 -8.95
C ALA A 40 -20.06 -7.76 -7.76
N ALA A 41 -19.78 -6.61 -7.16
CA ALA A 41 -20.53 -6.13 -6.00
C ALA A 41 -21.99 -5.91 -6.43
N GLN A 42 -22.15 -5.23 -7.57
CA GLN A 42 -23.44 -4.91 -8.19
C GLN A 42 -24.28 -6.16 -8.48
N LYS A 43 -23.67 -7.15 -9.11
CA LYS A 43 -24.33 -8.40 -9.47
C LYS A 43 -24.77 -9.12 -8.22
N LEU A 44 -23.93 -9.07 -7.19
CA LEU A 44 -24.23 -9.73 -5.92
C LEU A 44 -25.33 -8.96 -5.20
N SER A 45 -25.34 -7.65 -5.34
CA SER A 45 -26.38 -6.85 -4.70
C SER A 45 -27.76 -7.22 -5.25
N GLY A 46 -27.89 -7.14 -6.57
CA GLY A 46 -29.17 -7.45 -7.22
C GLY A 46 -29.61 -8.90 -7.28
N ASN A 47 -28.75 -9.83 -6.92
CA ASN A 47 -29.14 -11.23 -6.97
C ASN A 47 -28.83 -12.04 -5.70
N HIS A 48 -28.59 -11.36 -4.58
CA HIS A 48 -28.24 -12.07 -3.34
C HIS A 48 -29.27 -13.06 -2.77
N GLU A 49 -30.57 -12.76 -2.81
CA GLU A 49 -31.57 -13.71 -2.27
C GLU A 49 -31.41 -15.07 -2.93
N ALA A 50 -31.27 -15.07 -4.25
CA ALA A 50 -31.12 -16.28 -5.04
C ALA A 50 -29.83 -16.99 -4.72
N VAL A 51 -28.75 -16.22 -4.67
CA VAL A 51 -27.43 -16.75 -4.37
C VAL A 51 -27.45 -17.44 -3.00
N VAL A 52 -28.00 -16.74 -2.01
CA VAL A 52 -28.06 -17.28 -0.65
C VAL A 52 -28.92 -18.53 -0.53
N LYS A 53 -30.08 -18.51 -1.17
CA LYS A 53 -30.98 -19.65 -1.13
C LYS A 53 -30.22 -20.89 -1.65
N GLU A 54 -29.59 -20.75 -2.81
CA GLU A 54 -28.84 -21.87 -3.38
C GLU A 54 -27.71 -22.38 -2.48
N ALA A 55 -26.93 -21.47 -1.91
CA ALA A 55 -25.81 -21.84 -1.05
C ALA A 55 -26.33 -22.58 0.17
N GLY A 56 -27.43 -22.09 0.74
CA GLY A 56 -28.03 -22.71 1.92
C GLY A 56 -28.58 -24.08 1.59
N ASP A 57 -29.27 -24.19 0.45
CA ASP A 57 -29.81 -25.48 0.00
C ASP A 57 -28.64 -26.44 -0.18
N ALA A 58 -27.57 -25.93 -0.78
CA ALA A 58 -26.37 -26.72 -1.05
C ALA A 58 -25.79 -27.33 0.23
N CYS A 59 -25.76 -26.52 1.27
CA CYS A 59 -25.24 -26.91 2.56
C CYS A 59 -26.08 -28.01 3.22
N PHE A 60 -27.39 -27.80 3.30
CA PHE A 60 -28.30 -28.77 3.91
C PHE A 60 -28.49 -30.04 3.08
N ALA A 61 -28.15 -30.00 1.80
CA ALA A 61 -28.26 -31.16 0.94
C ALA A 61 -27.04 -32.05 1.21
N LYS A 62 -25.89 -31.41 1.37
CA LYS A 62 -24.64 -32.13 1.62
C LYS A 62 -24.53 -32.61 3.07
N TYR A 63 -25.16 -31.87 3.97
CA TYR A 63 -25.13 -32.20 5.38
C TYR A 63 -26.53 -32.24 5.95
N SER A 64 -27.29 -33.25 5.56
CA SER A 64 -28.65 -33.37 6.06
C SER A 64 -28.63 -33.69 7.56
N TYR A 65 -27.51 -34.23 8.04
CA TYR A 65 -27.37 -34.57 9.45
C TYR A 65 -27.63 -33.37 10.33
N LEU A 66 -27.49 -32.17 9.75
CA LEU A 66 -27.71 -30.92 10.48
C LEU A 66 -29.13 -30.78 10.98
N LYS A 67 -30.09 -31.33 10.23
CA LYS A 67 -31.48 -31.25 10.65
C LYS A 67 -31.83 -32.21 11.82
N ASN A 68 -30.90 -33.11 12.17
CA ASN A 68 -31.14 -34.06 13.27
C ASN A 68 -31.28 -33.31 14.58
N ALA A 69 -31.98 -33.92 15.52
CA ALA A 69 -32.21 -33.33 16.83
C ALA A 69 -30.88 -33.08 17.56
N GLY A 70 -30.68 -31.82 17.96
CA GLY A 70 -29.48 -31.45 18.67
C GLY A 70 -28.44 -30.76 17.81
N GLU A 71 -28.63 -30.80 16.49
CA GLU A 71 -27.67 -30.18 15.60
C GLU A 71 -28.04 -28.74 15.25
N ALA A 72 -27.14 -28.06 14.54
CA ALA A 72 -27.29 -26.67 14.16
C ALA A 72 -28.52 -26.25 13.37
N GLY A 73 -29.21 -27.18 12.73
CA GLY A 73 -30.41 -26.81 11.99
C GLY A 73 -31.56 -27.69 12.39
N ASP A 74 -31.65 -28.01 13.68
CA ASP A 74 -32.71 -28.93 14.18
C ASP A 74 -34.09 -28.29 14.38
N SER A 75 -34.28 -27.11 13.80
CA SER A 75 -35.55 -26.43 13.90
C SER A 75 -35.59 -25.38 12.80
N PRO A 76 -36.80 -24.99 12.37
CA PRO A 76 -36.92 -23.99 11.32
C PRO A 76 -36.20 -22.69 11.66
N GLU A 77 -36.31 -22.22 12.90
CA GLU A 77 -35.65 -20.98 13.31
C GLU A 77 -34.13 -21.06 13.10
N LYS A 78 -33.55 -22.23 13.37
CA LYS A 78 -32.10 -22.43 13.22
C LYS A 78 -31.75 -22.49 11.73
N ILE A 79 -32.60 -23.14 10.92
CA ILE A 79 -32.36 -23.24 9.50
C ILE A 79 -32.35 -21.84 8.90
N ASN A 80 -33.28 -20.99 9.35
CA ASN A 80 -33.36 -19.62 8.86
C ASN A 80 -32.11 -18.84 9.23
N LYS A 81 -31.64 -19.00 10.47
CA LYS A 81 -30.44 -18.31 10.92
C LYS A 81 -29.24 -18.73 10.07
N CYS A 82 -29.29 -19.96 9.55
CA CYS A 82 -28.21 -20.46 8.72
C CYS A 82 -28.19 -19.68 7.41
N TYR A 83 -29.34 -19.58 6.74
CA TYR A 83 -29.39 -18.84 5.48
C TYR A 83 -29.04 -17.38 5.73
N ARG A 84 -29.53 -16.84 6.86
CA ARG A 84 -29.27 -15.47 7.29
C ARG A 84 -27.77 -15.24 7.41
N ASP A 85 -27.04 -16.24 7.93
CA ASP A 85 -25.59 -16.14 8.10
C ASP A 85 -24.92 -16.10 6.74
N ILE A 86 -25.39 -16.95 5.84
CA ILE A 86 -24.86 -17.01 4.49
C ILE A 86 -25.10 -15.65 3.85
N ASP A 87 -26.25 -15.05 4.10
CA ASP A 87 -26.53 -13.73 3.56
C ASP A 87 -25.61 -12.68 4.16
N HIS A 88 -25.35 -12.74 5.46
CA HIS A 88 -24.43 -11.76 6.07
C HIS A 88 -23.05 -11.83 5.41
N TYR A 89 -22.54 -13.03 5.17
CA TYR A 89 -21.24 -13.17 4.51
C TYR A 89 -21.28 -12.60 3.10
N MET A 90 -22.35 -12.88 2.35
CA MET A 90 -22.48 -12.33 0.98
C MET A 90 -22.54 -10.81 1.02
N ARG A 91 -23.18 -10.27 2.06
CA ARG A 91 -23.29 -8.83 2.23
C ARG A 91 -21.91 -8.26 2.57
N LEU A 92 -21.13 -9.00 3.36
CA LEU A 92 -19.80 -8.55 3.74
C LEU A 92 -18.86 -8.70 2.54
N ILE A 93 -19.12 -9.69 1.68
CA ILE A 93 -18.31 -9.88 0.47
C ILE A 93 -18.63 -8.72 -0.48
N ASN A 94 -19.89 -8.31 -0.49
CA ASN A 94 -20.34 -7.17 -1.30
C ASN A 94 -19.56 -5.93 -0.81
N TYR A 95 -19.54 -5.73 0.50
CA TYR A 95 -18.80 -4.62 1.12
C TYR A 95 -17.32 -4.67 0.78
N SER A 96 -16.73 -5.86 0.89
CA SER A 96 -15.30 -6.06 0.60
C SER A 96 -14.97 -5.74 -0.85
N LEU A 97 -15.89 -6.09 -1.75
CA LEU A 97 -15.68 -5.83 -3.17
C LEU A 97 -15.80 -4.31 -3.40
N VAL A 98 -16.71 -3.65 -2.68
CA VAL A 98 -16.86 -2.21 -2.84
C VAL A 98 -15.62 -1.49 -2.30
N VAL A 99 -15.17 -1.91 -1.12
CA VAL A 99 -14.00 -1.33 -0.46
C VAL A 99 -12.66 -1.66 -1.15
N GLY A 100 -12.60 -2.79 -1.84
CA GLY A 100 -11.38 -3.17 -2.53
C GLY A 100 -10.34 -3.74 -1.61
N GLY A 101 -10.81 -4.27 -0.47
CA GLY A 101 -9.96 -4.87 0.54
C GLY A 101 -10.84 -5.78 1.38
N THR A 102 -10.23 -6.63 2.19
CA THR A 102 -10.98 -7.56 3.01
C THR A 102 -11.44 -6.98 4.35
N GLY A 103 -11.18 -5.71 4.58
CA GLY A 103 -11.56 -5.08 5.84
C GLY A 103 -12.95 -5.43 6.39
N PRO A 104 -14.01 -5.20 5.60
CA PRO A 104 -15.38 -5.48 6.05
C PRO A 104 -15.61 -6.92 6.51
N VAL A 105 -15.20 -7.89 5.70
CA VAL A 105 -15.40 -9.30 6.06
C VAL A 105 -14.49 -9.71 7.20
N ASP A 106 -13.30 -9.10 7.30
CA ASP A 106 -12.37 -9.41 8.38
C ASP A 106 -12.89 -8.99 9.74
N GLU A 107 -13.36 -7.75 9.82
CA GLU A 107 -13.83 -7.19 11.09
C GLU A 107 -15.22 -7.56 11.48
N TRP A 108 -16.09 -7.72 10.49
CA TRP A 108 -17.47 -8.00 10.80
C TRP A 108 -17.88 -9.45 10.68
N GLY A 109 -17.11 -10.23 9.93
CA GLY A 109 -17.47 -11.61 9.77
C GLY A 109 -16.47 -12.58 10.30
N ILE A 110 -15.22 -12.42 9.89
CA ILE A 110 -14.19 -13.34 10.32
C ILE A 110 -13.76 -13.24 11.80
N ALA A 111 -13.44 -12.03 12.25
CA ALA A 111 -13.00 -11.85 13.64
C ALA A 111 -13.99 -12.44 14.66
N GLY A 112 -13.49 -13.30 15.55
CA GLY A 112 -14.34 -13.90 16.57
C GLY A 112 -15.19 -15.07 16.12
N SER A 113 -15.25 -15.30 14.82
CA SER A 113 -16.07 -16.36 14.25
C SER A 113 -15.77 -17.74 14.77
N ARG A 114 -14.49 -18.05 14.94
CA ARG A 114 -14.10 -19.36 15.42
C ARG A 114 -14.57 -19.64 16.85
N GLU A 115 -14.66 -18.59 17.67
CA GLU A 115 -15.10 -18.72 19.06
C GLU A 115 -16.62 -18.89 19.06
N VAL A 116 -17.29 -18.04 18.29
CA VAL A 116 -18.74 -18.08 18.20
C VAL A 116 -19.22 -19.44 17.67
N TYR A 117 -18.60 -19.92 16.59
CA TYR A 117 -19.02 -21.18 15.99
C TYR A 117 -18.72 -22.37 16.87
N ARG A 118 -17.62 -22.28 17.64
CA ARG A 118 -17.24 -23.35 18.57
C ARG A 118 -18.26 -23.35 19.71
N ALA A 119 -18.57 -22.17 20.24
CA ALA A 119 -19.52 -22.07 21.34
C ALA A 119 -20.94 -22.47 20.96
N LEU A 120 -21.35 -22.12 19.76
CA LEU A 120 -22.70 -22.46 19.33
C LEU A 120 -22.82 -23.73 18.53
N ASN A 121 -21.74 -24.51 18.43
CA ASN A 121 -21.79 -25.79 17.70
C ASN A 121 -22.19 -25.67 16.23
N LEU A 122 -21.60 -24.71 15.52
CA LEU A 122 -21.91 -24.53 14.11
C LEU A 122 -20.68 -25.04 13.37
N PRO A 123 -20.79 -26.22 12.74
CA PRO A 123 -19.59 -26.72 12.03
C PRO A 123 -19.12 -25.83 10.89
N GLY A 124 -17.83 -25.56 10.86
CA GLY A 124 -17.30 -24.71 9.81
C GLY A 124 -17.46 -25.30 8.43
N SER A 125 -17.46 -26.63 8.33
CA SER A 125 -17.61 -27.28 7.02
C SER A 125 -18.93 -26.94 6.35
N ALA A 126 -19.96 -26.66 7.15
CA ALA A 126 -21.27 -26.30 6.60
C ALA A 126 -21.16 -24.95 5.89
N TYR A 127 -20.45 -24.00 6.49
CA TYR A 127 -20.27 -22.70 5.85
C TYR A 127 -19.39 -22.89 4.62
N ILE A 128 -18.34 -23.70 4.76
CA ILE A 128 -17.45 -23.96 3.64
C ILE A 128 -18.25 -24.55 2.47
N ALA A 129 -19.17 -25.47 2.73
CA ALA A 129 -19.99 -26.08 1.68
C ALA A 129 -20.79 -24.98 0.97
N ALA A 130 -21.42 -24.11 1.75
CA ALA A 130 -22.20 -23.04 1.20
C ALA A 130 -21.36 -22.17 0.27
N PHE A 131 -20.17 -21.83 0.72
CA PHE A 131 -19.28 -20.96 -0.05
C PHE A 131 -18.59 -21.63 -1.23
N THR A 132 -18.23 -22.90 -1.09
CA THR A 132 -17.57 -23.62 -2.18
C THR A 132 -18.60 -23.77 -3.29
N PHE A 133 -19.85 -24.05 -2.91
CA PHE A 133 -20.92 -24.19 -3.89
C PHE A 133 -21.12 -22.88 -4.66
N THR A 134 -21.25 -21.76 -3.94
CA THR A 134 -21.45 -20.46 -4.59
C THR A 134 -20.30 -20.13 -5.57
N ARG A 135 -19.07 -20.38 -5.13
CA ARG A 135 -17.87 -20.13 -5.95
C ARG A 135 -17.83 -20.95 -7.25
N ASP A 136 -18.04 -22.25 -7.14
CA ASP A 136 -17.99 -23.14 -8.30
C ASP A 136 -19.19 -22.98 -9.22
N ARG A 137 -20.28 -22.48 -8.67
CA ARG A 137 -21.50 -22.25 -9.42
C ARG A 137 -21.35 -21.01 -10.34
N LEU A 138 -20.39 -20.14 -10.05
CA LEU A 138 -20.16 -18.93 -10.83
C LEU A 138 -19.80 -19.26 -12.29
N CYS A 139 -20.58 -18.70 -13.20
CA CYS A 139 -20.42 -18.91 -14.62
C CYS A 139 -20.10 -17.60 -15.34
N VAL A 140 -18.98 -17.54 -16.05
CA VAL A 140 -18.58 -16.33 -16.79
C VAL A 140 -18.70 -16.57 -18.31
N PRO A 141 -19.18 -15.56 -19.07
CA PRO A 141 -19.61 -14.22 -18.69
C PRO A 141 -21.10 -14.17 -18.37
N ARG A 142 -21.72 -15.32 -18.22
CA ARG A 142 -23.14 -15.42 -17.91
C ARG A 142 -23.58 -14.63 -16.68
N ASP A 143 -22.85 -14.79 -15.57
CA ASP A 143 -23.19 -14.11 -14.32
C ASP A 143 -22.51 -12.75 -14.16
N MET A 144 -21.36 -12.57 -14.81
CA MET A 144 -20.60 -11.32 -14.76
C MET A 144 -19.36 -11.50 -15.64
N SER A 145 -18.62 -10.43 -15.88
CA SER A 145 -17.43 -10.48 -16.72
C SER A 145 -16.35 -11.34 -16.08
N SER A 146 -15.33 -11.70 -16.86
CA SER A 146 -14.25 -12.54 -16.34
C SER A 146 -13.58 -11.96 -15.11
N GLN A 147 -13.15 -10.70 -15.19
CA GLN A 147 -12.48 -10.09 -14.06
C GLN A 147 -13.39 -9.84 -12.85
N ALA A 148 -14.67 -9.54 -13.08
CA ALA A 148 -15.58 -9.37 -11.94
C ALA A 148 -15.67 -10.76 -11.27
N GLY A 149 -15.65 -11.81 -12.09
CA GLY A 149 -15.71 -13.17 -11.60
C GLY A 149 -14.48 -13.56 -10.81
N VAL A 150 -13.31 -13.09 -11.25
CA VAL A 150 -12.06 -13.38 -10.55
C VAL A 150 -12.11 -12.73 -9.16
N GLU A 151 -12.62 -11.51 -9.09
CA GLU A 151 -12.77 -10.77 -7.84
C GLU A 151 -13.74 -11.47 -6.88
N PHE A 152 -14.85 -11.94 -7.43
CA PHE A 152 -15.88 -12.65 -6.67
C PHE A 152 -15.29 -13.95 -6.13
N THR A 153 -14.62 -14.69 -7.00
CA THR A 153 -13.97 -15.95 -6.63
C THR A 153 -12.90 -15.76 -5.53
N SER A 154 -12.07 -14.73 -5.67
CA SER A 154 -11.03 -14.44 -4.70
C SER A 154 -11.63 -14.19 -3.31
N ALA A 155 -12.70 -13.41 -3.29
CA ALA A 155 -13.41 -13.06 -2.06
C ALA A 155 -13.96 -14.30 -1.35
N LEU A 156 -14.57 -15.21 -2.11
CA LEU A 156 -15.10 -16.45 -1.53
C LEU A 156 -13.96 -17.33 -1.03
N ASP A 157 -12.88 -17.45 -1.81
CA ASP A 157 -11.72 -18.26 -1.41
C ASP A 157 -11.10 -17.69 -0.14
N TYR A 158 -11.12 -16.36 -0.01
CA TYR A 158 -10.60 -15.69 1.16
C TYR A 158 -11.44 -16.11 2.38
N VAL A 159 -12.76 -16.11 2.23
CA VAL A 159 -13.66 -16.52 3.32
C VAL A 159 -13.54 -18.03 3.64
N ILE A 160 -13.41 -18.86 2.61
CA ILE A 160 -13.26 -20.31 2.81
C ILE A 160 -11.95 -20.58 3.57
N ASN A 161 -10.86 -19.90 3.23
CA ASN A 161 -9.59 -20.12 3.93
C ASN A 161 -9.65 -19.69 5.39
N SER A 162 -10.57 -18.80 5.71
CA SER A 162 -10.71 -18.32 7.08
C SER A 162 -11.39 -19.35 7.96
N LEU A 163 -11.98 -20.37 7.34
CA LEU A 163 -12.68 -21.42 8.09
C LEU A 163 -11.90 -22.73 8.17
N CYS A 164 -10.76 -22.80 7.49
CA CYS A 164 -9.92 -24.00 7.50
C CYS A 164 -8.45 -23.64 7.46
N MET B 1 -9.29 3.29 10.40
CA MET B 1 -9.80 4.50 9.71
C MET B 1 -10.64 4.08 8.50
N LEU B 2 -11.48 4.99 8.03
CA LEU B 2 -12.33 4.72 6.88
C LEU B 2 -11.87 5.59 5.71
N ASP B 3 -12.37 5.26 4.53
CA ASP B 3 -12.10 6.02 3.33
C ASP B 3 -13.46 6.22 2.68
N ALA B 4 -13.52 6.89 1.54
CA ALA B 4 -14.78 7.14 0.86
C ALA B 4 -15.64 5.91 0.68
N PHE B 5 -15.00 4.79 0.35
CA PHE B 5 -15.71 3.54 0.12
C PHE B 5 -16.24 2.84 1.33
N SER B 6 -15.42 2.69 2.37
CA SER B 6 -15.89 2.05 3.59
C SER B 6 -16.87 2.92 4.35
N ARG B 7 -16.83 4.24 4.09
CA ARG B 7 -17.77 5.16 4.71
C ARG B 7 -19.15 4.76 4.19
N VAL B 8 -19.24 4.48 2.90
CA VAL B 8 -20.49 4.07 2.30
C VAL B 8 -20.85 2.68 2.87
N VAL B 9 -19.86 1.83 3.03
CA VAL B 9 -20.09 0.50 3.60
C VAL B 9 -20.63 0.55 5.05
N VAL B 10 -20.09 1.42 5.90
CA VAL B 10 -20.57 1.50 7.28
C VAL B 10 -22.00 2.04 7.36
N THR B 11 -22.35 2.93 6.43
CA THR B 11 -23.68 3.52 6.35
C THR B 11 -24.72 2.46 5.89
N SER B 12 -24.32 1.63 4.94
CA SER B 12 -25.19 0.58 4.41
C SER B 12 -25.41 -0.52 5.44
N ASP B 13 -24.33 -0.86 6.12
CA ASP B 13 -24.35 -1.89 7.15
C ASP B 13 -25.36 -1.54 8.25
N ALA B 14 -25.46 -0.25 8.57
CA ALA B 14 -26.40 0.20 9.60
C ALA B 14 -27.84 -0.22 9.27
N LYS B 15 -28.10 -0.52 8.00
CA LYS B 15 -29.43 -0.96 7.56
C LYS B 15 -29.37 -2.38 6.99
N ALA B 16 -28.26 -3.06 7.24
CA ALA B 16 -28.02 -4.40 6.72
C ALA B 16 -28.36 -4.43 5.23
N ALA B 17 -28.01 -3.36 4.53
CA ALA B 17 -28.29 -3.27 3.12
C ALA B 17 -26.99 -3.45 2.31
N TYR B 18 -27.10 -4.16 1.20
CA TYR B 18 -25.98 -4.38 0.31
C TYR B 18 -25.71 -3.02 -0.35
N VAL B 19 -24.52 -2.83 -0.90
CA VAL B 19 -24.22 -1.57 -1.58
C VAL B 19 -24.54 -1.83 -3.06
N GLY B 20 -25.33 -0.95 -3.64
CA GLY B 20 -25.68 -1.10 -5.04
C GLY B 20 -26.39 0.15 -5.53
N GLY B 21 -26.74 0.16 -6.82
CA GLY B 21 -27.47 1.27 -7.40
C GLY B 21 -26.97 2.68 -7.18
N SER B 22 -27.75 3.48 -6.46
CA SER B 22 -27.43 4.87 -6.16
C SER B 22 -26.13 5.04 -5.39
N ASP B 23 -25.94 4.18 -4.39
CA ASP B 23 -24.74 4.21 -3.54
C ASP B 23 -23.47 4.15 -4.37
N LEU B 24 -23.42 3.17 -5.27
CA LEU B 24 -22.27 2.99 -6.15
C LEU B 24 -22.01 4.18 -7.05
N GLN B 25 -23.06 4.88 -7.47
CA GLN B 25 -22.93 6.05 -8.35
C GLN B 25 -22.02 7.10 -7.73
N SER B 26 -22.19 7.34 -6.45
CA SER B 26 -21.36 8.30 -5.73
C SER B 26 -19.89 7.84 -5.77
N LEU B 27 -19.68 6.53 -5.59
CA LEU B 27 -18.34 5.94 -5.58
C LEU B 27 -17.72 5.81 -6.98
N LYS B 28 -18.54 5.66 -8.02
CA LYS B 28 -18.01 5.56 -9.35
C LYS B 28 -17.52 6.95 -9.75
N SER B 29 -18.17 7.99 -9.23
CA SER B 29 -17.72 9.36 -9.50
C SER B 29 -16.34 9.52 -8.87
N PHE B 30 -16.18 9.00 -7.66
CA PHE B 30 -14.90 9.07 -6.96
C PHE B 30 -13.82 8.51 -7.87
N ILE B 31 -14.06 7.31 -8.41
CA ILE B 31 -13.10 6.68 -9.30
C ILE B 31 -12.82 7.53 -10.51
N ASN B 32 -13.89 8.02 -11.11
CA ASN B 32 -13.80 8.85 -12.31
C ASN B 32 -12.93 10.08 -12.08
N ASP B 33 -13.06 10.68 -10.89
CA ASP B 33 -12.27 11.86 -10.56
C ASP B 33 -11.00 11.51 -9.78
N GLY B 34 -10.67 10.23 -9.79
CA GLY B 34 -9.51 9.76 -9.08
C GLY B 34 -8.24 10.48 -9.46
N ASN B 35 -8.01 10.72 -10.75
CA ASN B 35 -6.78 11.39 -11.17
C ASN B 35 -6.66 12.82 -10.65
N LYS B 36 -7.77 13.54 -10.67
CA LYS B 36 -7.80 14.91 -10.16
C LYS B 36 -7.50 14.88 -8.66
N ARG B 37 -8.02 13.89 -7.93
CA ARG B 37 -7.76 13.77 -6.50
C ARG B 37 -6.27 13.58 -6.28
N LEU B 38 -5.67 12.70 -7.07
CA LEU B 38 -4.24 12.45 -6.92
C LEU B 38 -3.42 13.69 -7.19
N ASP B 39 -3.84 14.54 -8.12
CA ASP B 39 -3.10 15.77 -8.40
C ASP B 39 -3.24 16.73 -7.21
N ALA B 40 -4.47 16.84 -6.69
CA ALA B 40 -4.78 17.71 -5.56
C ALA B 40 -3.87 17.41 -4.38
N VAL B 41 -3.72 16.14 -4.07
CA VAL B 41 -2.86 15.72 -2.96
C VAL B 41 -1.41 16.03 -3.29
N ASN B 42 -0.98 15.66 -4.50
CA ASN B 42 0.38 15.92 -4.94
C ASN B 42 0.72 17.41 -4.80
N TYR B 43 -0.23 18.29 -5.14
CA TYR B 43 -0.05 19.74 -5.06
C TYR B 43 0.16 20.18 -3.61
N ILE B 44 -0.57 19.59 -2.67
CA ILE B 44 -0.39 19.92 -1.27
C ILE B 44 0.99 19.42 -0.76
N VAL B 45 1.29 18.14 -0.95
CA VAL B 45 2.56 17.58 -0.45
C VAL B 45 3.80 18.16 -1.12
N SER B 46 3.68 18.51 -2.40
CA SER B 46 4.80 19.09 -3.12
C SER B 46 5.11 20.51 -2.67
N ASN B 47 4.18 21.14 -1.96
CA ASN B 47 4.38 22.50 -1.46
C ASN B 47 4.15 22.55 0.04
N ALA B 48 4.38 21.42 0.69
CA ALA B 48 4.16 21.31 2.12
C ALA B 48 4.94 22.30 2.99
N SER B 49 6.25 22.40 2.80
CA SER B 49 7.06 23.30 3.62
C SER B 49 6.66 24.74 3.46
N CYS B 50 6.28 25.11 2.23
CA CYS B 50 5.85 26.47 1.90
C CYS B 50 4.50 26.76 2.56
N ILE B 51 3.56 25.82 2.44
CA ILE B 51 2.25 26.00 3.05
C ILE B 51 2.37 26.14 4.56
N VAL B 52 3.21 25.32 5.19
CA VAL B 52 3.36 25.36 6.64
C VAL B 52 4.07 26.60 7.17
N SER B 53 5.24 26.92 6.61
CA SER B 53 6.02 28.07 7.09
C SER B 53 5.28 29.39 6.84
N ASP B 54 4.61 29.49 5.70
CA ASP B 54 3.89 30.71 5.39
C ASP B 54 2.71 30.92 6.37
N ALA B 55 2.00 29.86 6.73
CA ALA B 55 0.87 30.01 7.66
C ALA B 55 1.32 30.32 9.10
N VAL B 56 2.36 29.64 9.58
CA VAL B 56 2.85 29.90 10.93
C VAL B 56 3.43 31.33 10.98
N SER B 57 4.14 31.71 9.92
CA SER B 57 4.71 33.04 9.82
C SER B 57 3.60 34.08 9.69
N GLY B 58 2.53 33.72 8.98
CA GLY B 58 1.39 34.60 8.79
C GLY B 58 0.68 34.75 10.12
N MET B 59 0.58 33.66 10.87
CA MET B 59 -0.06 33.70 12.17
C MET B 59 0.67 34.69 13.07
N ILE B 60 2.00 34.67 12.98
CA ILE B 60 2.87 35.52 13.77
C ILE B 60 2.87 37.00 13.39
N CYS B 61 2.96 37.30 12.08
CA CYS B 61 2.98 38.70 11.67
C CYS B 61 1.67 39.42 11.99
N GLU B 62 0.61 38.65 12.17
CA GLU B 62 -0.70 39.23 12.52
C GLU B 62 -0.86 39.38 14.02
N ASN B 63 -0.11 38.60 14.78
CA ASN B 63 -0.16 38.67 16.24
C ASN B 63 1.27 38.53 16.77
N PRO B 64 2.05 39.62 16.70
CA PRO B 64 3.45 39.61 17.16
C PRO B 64 3.64 39.25 18.63
N GLY B 65 2.59 39.33 19.43
CA GLY B 65 2.69 38.97 20.83
C GLY B 65 3.02 37.50 21.03
N LEU B 66 2.80 36.71 19.97
CA LEU B 66 3.10 35.27 19.98
C LEU B 66 4.60 35.04 20.08
N ILE B 67 5.39 36.01 19.64
CA ILE B 67 6.84 35.88 19.69
C ILE B 67 7.47 36.76 20.77
N ALA B 68 6.64 37.47 21.53
CA ALA B 68 7.15 38.31 22.61
C ALA B 68 7.42 37.36 23.76
N PRO B 69 8.28 37.74 24.73
CA PRO B 69 8.52 36.81 25.84
C PRO B 69 7.17 36.46 26.48
N GLY B 70 6.96 35.19 26.78
CA GLY B 70 5.69 34.78 27.33
C GLY B 70 4.75 34.30 26.22
N GLY B 71 5.06 34.66 24.98
CA GLY B 71 4.23 34.25 23.86
C GLY B 71 4.40 32.77 23.56
N MEN B 72 3.37 32.13 23.00
CA MEN B 72 3.45 30.70 22.74
C MEN B 72 4.40 30.29 21.61
O MEN B 72 4.66 29.09 21.41
CB MEN B 72 2.07 30.10 22.55
CG MEN B 72 2.01 28.66 23.06
OD1 MEN B 72 1.78 27.72 22.30
ND2 MEN B 72 2.21 28.48 24.36
CE2 MEN B 72 2.50 27.14 24.88
H MEN B 72 2.55 32.63 22.81
N CYS B 73 4.96 31.25 20.88
CA CYS B 73 5.92 30.94 19.84
C CYS B 73 7.31 31.48 20.20
N TYR B 74 7.43 31.93 21.45
CA TYR B 74 8.69 32.47 21.97
C TYR B 74 9.59 31.29 22.34
N THR B 75 10.86 31.42 21.92
CA THR B 75 11.96 30.44 22.04
C THR B 75 11.93 29.56 20.82
N ASN B 76 13.08 29.06 20.42
CA ASN B 76 13.13 28.21 19.24
C ASN B 76 12.38 26.90 19.45
N ARG B 77 12.39 26.41 20.68
CA ARG B 77 11.70 25.18 21.02
C ARG B 77 10.23 25.33 20.70
N ARG B 78 9.62 26.41 21.16
CA ARG B 78 8.20 26.61 20.89
C ARG B 78 7.89 26.87 19.42
N MET B 79 8.71 27.66 18.75
CA MET B 79 8.48 27.91 17.34
C MET B 79 8.57 26.57 16.56
N ALA B 80 9.56 25.74 16.89
CA ALA B 80 9.73 24.46 16.23
C ALA B 80 8.50 23.58 16.49
N ALA B 81 8.02 23.57 17.73
CA ALA B 81 6.85 22.77 18.08
C ALA B 81 5.60 23.20 17.30
N CYS B 82 5.47 24.51 17.06
CA CYS B 82 4.33 25.07 16.33
C CYS B 82 4.44 24.74 14.85
N LEU B 83 5.66 24.81 14.31
CA LEU B 83 5.91 24.49 12.91
C LEU B 83 5.55 23.03 12.68
N ARG B 84 6.00 22.18 13.61
CA ARG B 84 5.73 20.76 13.56
C ARG B 84 4.22 20.49 13.61
N ASP B 85 3.51 21.13 14.55
CA ASP B 85 2.05 20.95 14.64
C ASP B 85 1.38 21.34 13.34
N GLY B 86 1.85 22.42 12.74
CA GLY B 86 1.33 22.89 11.47
C GLY B 86 1.51 21.84 10.42
N GLU B 87 2.70 21.24 10.36
CA GLU B 87 3.02 20.17 9.42
C GLU B 87 2.14 18.94 9.65
N ILE B 88 2.00 18.54 10.91
CA ILE B 88 1.18 17.41 11.29
C ILE B 88 -0.27 17.61 10.83
N ILE B 89 -0.85 18.79 11.08
CA ILE B 89 -2.22 19.07 10.65
C ILE B 89 -2.36 18.99 9.13
N LEU B 90 -1.41 19.57 8.39
CA LEU B 90 -1.46 19.52 6.94
C LEU B 90 -1.29 18.06 6.45
N ARG B 91 -0.46 17.29 7.14
CA ARG B 91 -0.23 15.88 6.79
C ARG B 91 -1.54 15.08 6.94
N TYR B 92 -2.28 15.31 8.03
CA TYR B 92 -3.54 14.60 8.24
C TYR B 92 -4.64 15.05 7.28
N VAL B 93 -4.66 16.35 6.94
CA VAL B 93 -5.63 16.87 5.99
C VAL B 93 -5.32 16.25 4.61
N SER B 94 -4.04 16.12 4.27
CA SER B 94 -3.67 15.53 2.99
C SER B 94 -4.09 14.02 2.98
N TYR B 95 -4.03 13.36 4.13
CA TYR B 95 -4.48 11.97 4.22
C TYR B 95 -5.97 11.91 3.97
N ALA B 96 -6.72 12.82 4.62
CA ALA B 96 -8.17 12.88 4.47
C ALA B 96 -8.55 13.14 3.02
N LEU B 97 -7.82 14.04 2.37
CA LEU B 97 -8.09 14.35 0.96
C LEU B 97 -7.81 13.12 0.07
N LEU B 98 -6.76 12.38 0.38
CA LEU B 98 -6.41 11.20 -0.41
C LEU B 98 -7.46 10.08 -0.22
N ALA B 99 -7.99 9.98 0.99
CA ALA B 99 -8.98 8.95 1.31
C ALA B 99 -10.40 9.36 0.95
N GLY B 100 -10.64 10.65 0.81
CA GLY B 100 -11.98 11.13 0.51
C GLY B 100 -12.88 10.97 1.73
N ASP B 101 -12.30 11.07 2.92
CA ASP B 101 -13.05 10.95 4.17
C ASP B 101 -12.23 11.53 5.32
N SER B 102 -12.89 12.24 6.23
CA SER B 102 -12.19 12.84 7.36
C SER B 102 -11.83 11.88 8.51
N SER B 103 -12.23 10.62 8.40
CA SER B 103 -11.97 9.61 9.43
C SER B 103 -10.57 9.67 10.09
N VAL B 104 -9.52 9.60 9.28
CA VAL B 104 -8.15 9.62 9.76
C VAL B 104 -7.81 10.92 10.49
N LEU B 105 -8.33 12.02 9.99
CA LEU B 105 -8.09 13.32 10.60
C LEU B 105 -8.77 13.38 11.98
N ASP B 106 -10.04 12.98 12.02
CA ASP B 106 -10.83 12.98 13.24
C ASP B 106 -10.28 12.12 14.35
N ASP B 107 -9.94 10.88 14.03
CA ASP B 107 -9.44 9.93 15.01
C ASP B 107 -7.98 10.04 15.39
N ARG B 108 -7.10 10.27 14.42
CA ARG B 108 -5.67 10.32 14.73
C ARG B 108 -5.08 11.70 14.91
N CYS B 109 -5.87 12.75 14.71
CA CYS B 109 -5.34 14.08 14.86
C CYS B 109 -6.18 15.01 15.73
N LEU B 110 -7.46 15.16 15.38
CA LEU B 110 -8.34 16.08 16.11
C LEU B 110 -8.87 15.60 17.43
N ASN B 111 -9.00 14.29 17.56
CA ASN B 111 -9.51 13.69 18.78
C ASN B 111 -8.63 14.07 19.97
N GLY B 112 -9.11 15.03 20.74
CA GLY B 112 -8.38 15.49 21.92
C GLY B 112 -7.35 16.59 21.68
N LEU B 113 -7.34 17.18 20.49
CA LEU B 113 -6.37 18.23 20.19
C LEU B 113 -6.66 19.47 21.01
N LYS B 114 -7.92 19.88 21.08
CA LYS B 114 -8.27 21.05 21.89
C LYS B 114 -7.86 20.85 23.35
N GLU B 115 -8.17 19.69 23.92
CA GLU B 115 -7.82 19.36 25.30
C GLU B 115 -6.36 19.63 25.52
N THR B 116 -5.55 19.08 24.60
CA THR B 116 -4.11 19.20 24.61
C THR B 116 -3.66 20.65 24.60
N TYR B 117 -4.16 21.42 23.66
CA TYR B 117 -3.83 22.84 23.54
C TYR B 117 -4.20 23.61 24.81
N ILE B 118 -5.40 23.41 25.33
CA ILE B 118 -5.84 24.10 26.55
C ILE B 118 -4.89 23.77 27.72
N ALA B 119 -4.53 22.49 27.85
CA ALA B 119 -3.62 22.08 28.90
C ALA B 119 -2.25 22.75 28.79
N LEU B 120 -1.70 22.78 27.58
CA LEU B 120 -0.38 23.38 27.33
C LEU B 120 -0.38 24.89 27.31
N GLY B 121 -1.56 25.46 27.15
CA GLY B 121 -1.68 26.89 27.07
C GLY B 121 -1.46 27.34 25.65
N VAL B 122 -1.58 26.42 24.69
CA VAL B 122 -1.39 26.77 23.27
C VAL B 122 -2.61 27.58 22.89
N PRO B 123 -2.42 28.80 22.36
CA PRO B 123 -3.56 29.64 21.97
C PRO B 123 -4.37 29.09 20.80
N THR B 124 -5.55 28.57 21.12
CA THR B 124 -6.43 27.98 20.11
C THR B 124 -6.87 28.94 19.02
N ALA B 125 -7.13 30.19 19.37
CA ALA B 125 -7.54 31.18 18.36
C ALA B 125 -6.42 31.42 17.32
N SER B 126 -5.17 31.47 17.77
CA SER B 126 -4.05 31.67 16.85
C SER B 126 -3.91 30.44 15.99
N SER B 127 -4.10 29.27 16.59
CA SER B 127 -4.02 28.00 15.86
C SER B 127 -5.00 28.00 14.71
N SER B 128 -6.25 28.40 14.98
CA SER B 128 -7.30 28.47 13.96
C SER B 128 -6.84 29.35 12.82
N ARG B 129 -6.21 30.47 13.17
CA ARG B 129 -5.73 31.37 12.13
C ARG B 129 -4.67 30.68 11.27
N ALA B 130 -3.73 30.00 11.90
CA ALA B 130 -2.69 29.28 11.16
C ALA B 130 -3.33 28.31 10.17
N VAL B 131 -4.32 27.56 10.66
CA VAL B 131 -5.04 26.59 9.86
C VAL B 131 -5.76 27.27 8.71
N SER B 132 -6.33 28.45 8.94
CA SER B 132 -7.05 29.22 7.90
C SER B 132 -6.11 29.57 6.74
N ILE B 133 -4.93 30.07 7.08
CA ILE B 133 -3.95 30.45 6.07
C ILE B 133 -3.55 29.21 5.28
N MET B 134 -3.29 28.10 5.99
CA MET B 134 -2.94 26.85 5.32
C MET B 134 -4.06 26.48 4.36
N LYS B 135 -5.30 26.70 4.78
CA LYS B 135 -6.49 26.41 3.96
C LYS B 135 -6.45 27.27 2.70
N ALA B 136 -6.14 28.56 2.87
CA ALA B 136 -6.07 29.47 1.74
C ALA B 136 -4.99 29.07 0.77
N THR B 137 -3.88 28.57 1.28
CA THR B 137 -2.78 28.18 0.43
C THR B 137 -3.05 26.86 -0.28
N ALA B 138 -3.44 25.84 0.50
CA ALA B 138 -3.72 24.51 -0.04
C ALA B 138 -4.78 24.57 -1.11
N THR B 139 -5.86 25.31 -0.84
CA THR B 139 -6.96 25.44 -1.81
C THR B 139 -6.48 26.19 -3.03
N ALA B 140 -5.53 27.10 -2.85
CA ALA B 140 -4.98 27.83 -3.99
C ALA B 140 -4.13 26.87 -4.85
N PHE B 141 -3.37 25.97 -4.21
CA PHE B 141 -2.53 25.02 -4.95
C PHE B 141 -3.35 23.97 -5.68
N ILE B 142 -4.43 23.52 -5.06
CA ILE B 142 -5.30 22.51 -5.67
C ILE B 142 -5.85 23.01 -7.00
N THR B 143 -6.28 24.27 -7.01
CA THR B 143 -6.83 24.86 -8.22
C THR B 143 -5.76 25.51 -9.09
N ASN B 144 -4.50 25.28 -8.74
CA ASN B 144 -3.37 25.84 -9.49
C ASN B 144 -3.48 27.36 -9.69
N THR B 145 -3.97 28.06 -8.67
CA THR B 145 -4.12 29.51 -8.72
C THR B 145 -3.18 30.20 -7.72
N ALA B 146 -2.21 29.45 -7.21
CA ALA B 146 -1.25 30.02 -6.27
C ALA B 146 -0.39 31.02 -7.05
N SER B 147 -0.23 32.19 -6.45
CA SER B 147 0.53 33.30 -7.04
C SER B 147 1.95 32.96 -7.45
N GLY B 148 2.76 32.57 -6.47
CA GLY B 148 4.14 32.25 -6.75
C GLY B 148 4.49 30.93 -7.38
N ARG B 149 3.50 30.13 -7.79
CA ARG B 149 3.79 28.85 -8.41
C ARG B 149 2.65 28.28 -9.21
N LYS B 150 2.92 28.01 -10.48
CA LYS B 150 1.92 27.44 -11.39
C LYS B 150 2.52 26.16 -11.95
N VAL B 151 1.70 25.14 -12.13
CA VAL B 151 2.15 23.87 -12.68
C VAL B 151 1.41 23.58 -13.98
N GLU B 152 1.94 22.64 -14.76
CA GLU B 152 1.33 22.23 -16.03
C GLU B 152 0.35 21.10 -15.68
N VAL B 153 -0.90 21.21 -16.12
CA VAL B 153 -1.91 20.19 -15.82
C VAL B 153 -3.07 20.20 -16.83
N ALA B 154 -3.67 19.04 -17.09
CA ALA B 154 -4.80 18.98 -18.00
C ALA B 154 -5.84 19.93 -17.43
N ALA B 155 -6.34 20.86 -18.25
CA ALA B 155 -7.33 21.81 -17.77
C ALA B 155 -8.64 21.12 -17.46
N GLY B 156 -9.23 21.49 -16.33
CA GLY B 156 -10.48 20.86 -15.94
C GLY B 156 -10.96 21.47 -14.66
N ASP B 157 -12.10 20.99 -14.18
CA ASP B 157 -12.68 21.51 -12.96
C ASP B 157 -12.31 20.68 -11.74
N CYS B 158 -11.81 21.34 -10.69
CA CYS B 158 -11.43 20.67 -9.44
C CYS B 158 -12.07 21.38 -8.28
N GLN B 159 -13.17 22.10 -8.51
CA GLN B 159 -13.80 22.85 -7.44
C GLN B 159 -14.30 21.98 -6.30
N ALA B 160 -14.80 20.79 -6.63
CA ALA B 160 -15.30 19.87 -5.60
C ALA B 160 -14.15 19.42 -4.70
N LEU B 161 -12.98 19.19 -5.28
CA LEU B 161 -11.80 18.79 -4.52
C LEU B 161 -11.32 19.94 -3.62
N GLN B 162 -11.40 21.17 -4.14
CA GLN B 162 -11.00 22.35 -3.39
C GLN B 162 -11.91 22.52 -2.16
N ALA B 163 -13.22 22.36 -2.37
CA ALA B 163 -14.21 22.50 -1.30
C ALA B 163 -14.09 21.37 -0.27
N GLU B 164 -13.81 20.17 -0.74
CA GLU B 164 -13.64 19.03 0.14
C GLU B 164 -12.43 19.30 1.01
N ALA B 165 -11.33 19.73 0.38
CA ALA B 165 -10.11 20.02 1.14
C ALA B 165 -10.39 21.14 2.15
N ALA B 166 -11.11 22.17 1.73
CA ALA B 166 -11.45 23.31 2.59
C ALA B 166 -12.29 22.85 3.79
N SER B 167 -13.21 21.92 3.56
CA SER B 167 -14.02 21.44 4.66
C SER B 167 -13.14 20.72 5.71
N TYR B 168 -12.07 20.05 5.29
CA TYR B 168 -11.19 19.36 6.23
C TYR B 168 -10.45 20.36 7.12
N PHE B 169 -9.96 21.45 6.52
CA PHE B 169 -9.25 22.48 7.28
C PHE B 169 -10.26 23.12 8.22
N ASP B 170 -11.47 23.32 7.71
CA ASP B 170 -12.54 23.93 8.51
C ASP B 170 -12.86 23.05 9.70
N LYS B 171 -12.75 21.74 9.49
CA LYS B 171 -13.02 20.81 10.59
C LYS B 171 -11.97 20.94 11.69
N VAL B 172 -10.70 21.12 11.29
CA VAL B 172 -9.62 21.27 12.25
C VAL B 172 -9.92 22.55 13.04
N GLY B 173 -10.23 23.62 12.31
CA GLY B 173 -10.55 24.89 12.93
C GLY B 173 -11.68 24.91 13.95
N SER B 174 -12.82 24.28 13.63
CA SER B 174 -13.93 24.27 14.56
C SER B 174 -13.72 23.30 15.70
N SER B 175 -12.80 22.36 15.55
CA SER B 175 -12.57 21.42 16.65
C SER B 175 -11.57 22.04 17.63
N ILE B 176 -10.73 22.93 17.12
CA ILE B 176 -9.71 23.61 17.92
C ILE B 176 -10.27 24.83 18.66
N ASP B 177 -11.10 25.61 17.98
CA ASP B 177 -11.68 26.83 18.53
C ASP B 177 -13.22 26.75 18.50
N MET C 1 13.37 -0.75 0.85
CA MET C 1 13.28 0.35 -0.16
C MET C 1 11.82 0.63 -0.37
N LYS C 2 11.34 1.77 0.12
CA LYS C 2 9.92 2.09 -0.03
C LYS C 2 9.44 2.17 -1.48
N SER C 3 8.43 1.37 -1.77
CA SER C 3 7.80 1.29 -3.09
C SER C 3 6.40 0.76 -2.79
N VAL C 4 5.55 0.68 -3.81
CA VAL C 4 4.22 0.16 -3.62
C VAL C 4 4.34 -1.29 -3.14
N ILE C 5 5.21 -2.03 -3.81
CA ILE C 5 5.42 -3.43 -3.48
C ILE C 5 5.90 -3.64 -2.05
N THR C 6 7.00 -2.99 -1.65
CA THR C 6 7.49 -3.21 -0.28
C THR C 6 6.56 -2.69 0.79
N THR C 7 5.85 -1.59 0.52
CA THR C 7 4.91 -1.02 1.48
C THR C 7 3.73 -1.98 1.70
N THR C 8 3.21 -2.51 0.61
CA THR C 8 2.09 -3.42 0.72
C THR C 8 2.51 -4.76 1.38
N ILE C 9 3.67 -5.30 1.02
CA ILE C 9 4.13 -6.54 1.63
C ILE C 9 4.49 -6.37 3.10
N SER C 10 5.11 -5.24 3.45
CA SER C 10 5.47 -4.98 4.83
C SER C 10 4.21 -4.90 5.69
N ALA C 11 3.16 -4.27 5.18
CA ALA C 11 1.91 -4.17 5.95
C ALA C 11 1.29 -5.55 6.14
N ALA C 12 1.30 -6.37 5.09
CA ALA C 12 0.76 -7.73 5.19
C ALA C 12 1.61 -8.54 6.16
N ASP C 13 2.93 -8.42 6.05
CA ASP C 13 3.83 -9.15 6.93
C ASP C 13 3.64 -8.79 8.41
N ALA C 14 3.46 -7.51 8.69
CA ALA C 14 3.28 -7.09 10.06
C ALA C 14 2.00 -7.68 10.66
N ALA C 15 1.01 -7.95 9.83
CA ALA C 15 -0.23 -8.51 10.31
C ALA C 15 -0.25 -10.03 10.10
N GLY C 16 0.86 -10.59 9.63
CA GLY C 16 0.95 -12.01 9.36
C GLY C 16 -0.08 -12.50 8.34
N ARG C 17 -0.33 -11.70 7.31
CA ARG C 17 -1.33 -12.04 6.30
C ARG C 17 -0.73 -12.41 4.95
N PHE C 18 -1.42 -13.27 4.21
CA PHE C 18 -0.98 -13.58 2.84
C PHE C 18 -1.42 -12.36 2.03
N PRO C 19 -0.82 -12.17 0.85
CA PRO C 19 -1.25 -11.02 0.05
C PRO C 19 -2.76 -11.24 -0.21
N SER C 20 -3.53 -10.16 -0.19
CA SER C 20 -4.97 -10.24 -0.41
C SER C 20 -5.32 -9.26 -1.53
N SER C 21 -6.62 -9.11 -1.79
CA SER C 21 -7.08 -8.22 -2.86
C SER C 21 -6.43 -6.84 -2.91
N SER C 22 -6.50 -6.11 -1.80
CA SER C 22 -5.96 -4.76 -1.78
C SER C 22 -4.46 -4.75 -2.07
N ASP C 23 -3.76 -5.83 -1.74
CA ASP C 23 -2.34 -5.90 -2.02
C ASP C 23 -2.12 -6.06 -3.51
N LEU C 24 -2.91 -6.94 -4.12
CA LEU C 24 -2.78 -7.16 -5.55
C LEU C 24 -3.21 -5.89 -6.33
N GLU C 25 -4.26 -5.24 -5.84
CA GLU C 25 -4.76 -4.03 -6.49
C GLU C 25 -3.79 -2.85 -6.41
N SER C 26 -3.11 -2.68 -5.29
CA SER C 26 -2.16 -1.58 -5.17
C SER C 26 -1.05 -1.76 -6.22
N ILE C 27 -0.67 -3.00 -6.49
CA ILE C 27 0.39 -3.29 -7.46
C ILE C 27 -0.04 -3.05 -8.90
N GLN C 28 -1.34 -3.04 -9.14
CA GLN C 28 -1.87 -2.72 -10.46
C GLN C 28 -1.52 -1.25 -10.71
N GLY C 29 -1.36 -0.51 -9.61
CA GLY C 29 -0.99 0.89 -9.69
C GLY C 29 0.39 1.01 -10.32
N ASN C 30 1.30 0.10 -9.95
CA ASN C 30 2.65 0.07 -10.52
C ASN C 30 2.52 -0.12 -12.02
N ILE C 31 1.73 -1.11 -12.38
CA ILE C 31 1.51 -1.46 -13.77
C ILE C 31 1.09 -0.25 -14.60
N GLN C 32 0.12 0.51 -14.12
CA GLN C 32 -0.37 1.69 -14.84
C GLN C 32 0.59 2.85 -14.92
N ARG C 33 1.15 3.22 -13.77
CA ARG C 33 2.05 4.36 -13.65
C ARG C 33 3.50 4.17 -14.07
N ALA C 34 3.96 2.94 -14.15
CA ALA C 34 5.35 2.69 -14.51
C ALA C 34 5.79 3.42 -15.79
N ALA C 35 4.95 3.40 -16.82
CA ALA C 35 5.32 4.03 -18.08
C ALA C 35 5.74 5.46 -17.89
N ALA C 36 4.93 6.22 -17.15
CA ALA C 36 5.23 7.62 -16.89
C ALA C 36 6.57 7.79 -16.15
N ARG C 37 6.77 7.09 -15.04
CA ARG C 37 8.02 7.26 -14.30
C ARG C 37 9.25 6.68 -14.97
N LEU C 38 9.10 5.61 -15.73
CA LEU C 38 10.26 5.03 -16.42
C LEU C 38 10.70 5.92 -17.60
N GLU C 39 9.80 6.72 -18.13
CA GLU C 39 10.16 7.64 -19.22
C GLU C 39 11.03 8.75 -18.61
N ALA C 40 10.58 9.30 -17.49
CA ALA C 40 11.30 10.35 -16.78
C ALA C 40 12.69 9.89 -16.36
N ALA C 41 12.78 8.65 -15.85
CA ALA C 41 14.06 8.09 -15.42
C ALA C 41 14.99 7.94 -16.61
N GLN C 42 14.46 7.45 -17.72
CA GLN C 42 15.20 7.24 -18.96
C GLN C 42 15.73 8.57 -19.52
N LYS C 43 14.91 9.62 -19.49
CA LYS C 43 15.33 10.93 -19.98
C LYS C 43 16.49 11.43 -19.13
N LEU C 44 16.36 11.24 -17.82
CA LEU C 44 17.37 11.66 -16.86
C LEU C 44 18.69 10.92 -17.08
N SER C 45 18.65 9.59 -17.23
CA SER C 45 19.89 8.86 -17.45
C SER C 45 20.58 9.23 -18.76
N GLY C 46 19.79 9.55 -19.78
CA GLY C 46 20.36 9.89 -21.07
C GLY C 46 20.94 11.28 -21.13
N ASN C 47 20.40 12.19 -20.33
CA ASN C 47 20.86 13.57 -20.35
C ASN C 47 21.34 14.11 -19.01
N HIS C 48 21.69 13.25 -18.06
CA HIS C 48 22.09 13.72 -16.73
C HIS C 48 23.31 14.66 -16.67
N GLU C 49 24.33 14.42 -17.48
CA GLU C 49 25.50 15.28 -17.44
C GLU C 49 25.12 16.71 -17.74
N ALA C 50 24.26 16.90 -18.73
CA ALA C 50 23.80 18.24 -19.11
C ALA C 50 22.93 18.86 -18.03
N VAL C 51 22.00 18.08 -17.48
CA VAL C 51 21.09 18.54 -16.43
C VAL C 51 21.87 18.99 -15.20
N VAL C 52 22.86 18.20 -14.81
CA VAL C 52 23.70 18.49 -13.65
C VAL C 52 24.58 19.74 -13.86
N LYS C 53 25.17 19.90 -15.04
CA LYS C 53 26.00 21.07 -15.31
C LYS C 53 25.12 22.31 -15.14
N GLU C 54 23.95 22.32 -15.76
CA GLU C 54 23.05 23.45 -15.65
C GLU C 54 22.65 23.74 -14.22
N ALA C 55 22.28 22.69 -13.49
CA ALA C 55 21.88 22.85 -12.11
C ALA C 55 23.01 23.42 -11.25
N GLY C 56 24.22 22.93 -11.46
CA GLY C 56 25.37 23.42 -10.73
C GLY C 56 25.70 24.86 -11.10
N ASP C 57 25.61 25.19 -12.39
CA ASP C 57 25.88 26.56 -12.85
C ASP C 57 24.84 27.46 -12.21
N ALA C 58 23.59 27.00 -12.17
CA ALA C 58 22.50 27.79 -11.61
C ALA C 58 22.75 28.10 -10.14
N CYS C 59 23.26 27.10 -9.43
CA CYS C 59 23.57 27.22 -8.01
C CYS C 59 24.63 28.32 -7.81
N PHE C 60 25.78 28.17 -8.47
CA PHE C 60 26.86 29.14 -8.34
C PHE C 60 26.56 30.52 -8.93
N ALA C 61 25.70 30.58 -9.93
CA ALA C 61 25.35 31.87 -10.51
C ALA C 61 24.56 32.64 -9.45
N LYS C 62 23.73 31.92 -8.70
CA LYS C 62 22.91 32.53 -7.66
C LYS C 62 23.69 32.82 -6.37
N TYR C 63 24.59 31.92 -5.97
CA TYR C 63 25.38 32.08 -4.76
C TYR C 63 26.87 32.15 -5.07
N SER C 64 27.29 33.26 -5.65
CA SER C 64 28.68 33.42 -6.01
C SER C 64 29.53 33.48 -4.76
N TYR C 65 28.90 33.79 -3.63
CA TYR C 65 29.62 33.87 -2.37
C TYR C 65 30.25 32.54 -1.95
N LEU C 66 29.75 31.43 -2.51
CA LEU C 66 30.29 30.12 -2.18
C LEU C 66 31.72 30.01 -2.65
N LYS C 67 32.10 30.85 -3.61
CA LYS C 67 33.47 30.83 -4.15
C LYS C 67 34.45 31.61 -3.27
N ASN C 68 33.92 32.27 -2.23
CA ASN C 68 34.76 33.03 -1.31
C ASN C 68 35.58 32.11 -0.42
N ALA C 69 36.75 32.61 0.00
CA ALA C 69 37.65 31.86 0.86
C ALA C 69 36.92 31.43 2.12
N GLY C 70 36.94 30.12 2.35
CA GLY C 70 36.30 29.54 3.52
C GLY C 70 34.88 29.03 3.29
N GLU C 71 34.35 29.22 2.10
CA GLU C 71 33.00 28.75 1.84
C GLU C 71 33.02 27.39 1.14
N ALA C 72 31.84 26.84 0.87
CA ALA C 72 31.72 25.53 0.23
C ALA C 72 32.29 25.36 -1.19
N GLY C 73 32.50 26.46 -1.91
CA GLY C 73 33.05 26.33 -3.26
C GLY C 73 34.33 27.12 -3.46
N ASP C 74 35.11 27.30 -2.40
CA ASP C 74 36.35 28.07 -2.46
C ASP C 74 37.55 27.42 -3.16
N SER C 75 37.32 26.34 -3.90
CA SER C 75 38.42 25.70 -4.60
C SER C 75 37.82 24.84 -5.68
N PRO C 76 38.61 24.53 -6.72
CA PRO C 76 38.14 23.70 -7.84
C PRO C 76 37.55 22.36 -7.39
N GLU C 77 38.26 21.69 -6.49
CA GLU C 77 37.88 20.41 -5.94
C GLU C 77 36.52 20.50 -5.23
N LYS C 78 36.31 21.57 -4.47
CA LYS C 78 35.06 21.79 -3.75
C LYS C 78 33.92 21.92 -4.76
N ILE C 79 34.14 22.74 -5.79
CA ILE C 79 33.13 22.98 -6.82
C ILE C 79 32.78 21.67 -7.53
N ASN C 80 33.79 20.86 -7.83
CA ASN C 80 33.57 19.58 -8.48
C ASN C 80 32.74 18.67 -7.60
N LYS C 81 32.98 18.70 -6.29
CA LYS C 81 32.19 17.88 -5.37
C LYS C 81 30.75 18.35 -5.33
N CYS C 82 30.53 19.63 -5.57
CA CYS C 82 29.19 20.19 -5.59
C CYS C 82 28.39 19.63 -6.76
N TYR C 83 28.99 19.65 -7.95
CA TYR C 83 28.33 19.12 -9.13
C TYR C 83 28.15 17.61 -8.93
N ARG C 84 29.17 16.97 -8.37
CA ARG C 84 29.13 15.54 -8.10
C ARG C 84 27.94 15.23 -7.21
N ASP C 85 27.69 16.07 -6.22
CA ASP C 85 26.56 15.87 -5.30
C ASP C 85 25.23 15.99 -6.00
N ILE C 86 25.11 16.99 -6.88
CA ILE C 86 23.88 17.20 -7.61
C ILE C 86 23.68 15.96 -8.47
N ASP C 87 24.77 15.44 -9.03
CA ASP C 87 24.70 14.23 -9.85
C ASP C 87 24.19 13.07 -9.02
N HIS C 88 24.71 12.93 -7.80
CA HIS C 88 24.29 11.87 -6.88
C HIS C 88 22.80 11.99 -6.60
N TYR C 89 22.30 13.20 -6.38
CA TYR C 89 20.86 13.37 -6.15
C TYR C 89 20.03 13.00 -7.38
N MET C 90 20.52 13.42 -8.55
CA MET C 90 19.85 13.14 -9.81
C MET C 90 19.83 11.62 -10.06
N ARG C 91 20.91 10.95 -9.68
CA ARG C 91 21.04 9.49 -9.84
C ARG C 91 20.05 8.81 -8.91
N LEU C 92 19.92 9.35 -7.70
CA LEU C 92 18.98 8.78 -6.73
C LEU C 92 17.53 9.02 -7.17
N ILE C 93 17.27 10.15 -7.84
CA ILE C 93 15.93 10.47 -8.35
C ILE C 93 15.58 9.50 -9.47
N ASN C 94 16.57 9.19 -10.31
CA ASN C 94 16.42 8.20 -11.38
C ASN C 94 16.04 6.88 -10.72
N TYR C 95 16.76 6.50 -9.67
CA TYR C 95 16.48 5.25 -8.93
C TYR C 95 15.07 5.28 -8.36
N SER C 96 14.69 6.41 -7.77
CA SER C 96 13.37 6.61 -7.18
C SER C 96 12.25 6.48 -8.20
N LEU C 97 12.48 7.00 -9.40
CA LEU C 97 11.50 6.93 -10.46
C LEU C 97 11.38 5.47 -10.94
N VAL C 98 12.50 4.75 -11.01
CA VAL C 98 12.49 3.35 -11.44
C VAL C 98 11.76 2.48 -10.40
N VAL C 99 12.06 2.71 -9.12
CA VAL C 99 11.44 1.97 -8.04
C VAL C 99 9.97 2.40 -7.82
N GLY C 100 9.63 3.62 -8.23
CA GLY C 100 8.29 4.12 -8.08
C GLY C 100 7.99 4.51 -6.64
N GLY C 101 9.03 4.90 -5.92
CA GLY C 101 8.91 5.28 -4.52
C GLY C 101 10.14 6.07 -4.14
N THR C 102 10.12 6.70 -2.97
CA THR C 102 11.24 7.52 -2.51
C THR C 102 12.33 6.76 -1.77
N GLY C 103 12.18 5.45 -1.62
CA GLY C 103 13.17 4.66 -0.91
C GLY C 103 14.63 4.97 -1.17
N PRO C 104 15.07 4.92 -2.43
CA PRO C 104 16.46 5.20 -2.78
C PRO C 104 16.99 6.55 -2.33
N VAL C 105 16.25 7.61 -2.61
CA VAL C 105 16.67 8.94 -2.24
C VAL C 105 16.58 9.11 -0.73
N ASP C 106 15.58 8.48 -0.11
CA ASP C 106 15.40 8.57 1.34
C ASP C 106 16.60 7.99 2.08
N GLU C 107 16.92 6.74 1.75
CA GLU C 107 17.99 6.02 2.41
C GLU C 107 19.41 6.39 2.03
N TRP C 108 19.61 6.73 0.76
CA TRP C 108 20.94 7.03 0.26
C TRP C 108 21.29 8.49 0.10
N GLY C 109 20.27 9.34 0.03
CA GLY C 109 20.52 10.76 -0.14
C GLY C 109 20.07 11.61 1.01
N ILE C 110 18.82 11.45 1.43
CA ILE C 110 18.25 12.26 2.50
C ILE C 110 18.68 11.94 3.94
N ALA C 111 18.63 10.66 4.30
CA ALA C 111 19.00 10.21 5.63
C ALA C 111 20.39 10.67 6.04
N GLY C 112 20.44 11.42 7.14
CA GLY C 112 21.71 11.91 7.65
C GLY C 112 22.26 13.11 6.92
N SER C 113 21.58 13.55 5.87
CA SER C 113 22.03 14.68 5.06
C SER C 113 22.13 15.96 5.86
N ARG C 114 21.18 16.19 6.76
CA ARG C 114 21.22 17.38 7.57
C ARG C 114 22.41 17.43 8.53
N GLU C 115 22.87 16.30 9.03
CA GLU C 115 24.02 16.30 9.92
C GLU C 115 25.27 16.53 9.11
N VAL C 116 25.33 15.94 7.94
CA VAL C 116 26.49 16.08 7.08
C VAL C 116 26.70 17.53 6.59
N TYR C 117 25.64 18.16 6.12
CA TYR C 117 25.74 19.52 5.59
C TYR C 117 26.02 20.54 6.69
N ARG C 118 25.48 20.28 7.88
CA ARG C 118 25.72 21.14 9.03
C ARG C 118 27.20 21.00 9.41
N ALA C 119 27.68 19.77 9.48
CA ALA C 119 29.08 19.54 9.85
C ALA C 119 30.07 20.10 8.84
N LEU C 120 29.76 19.95 7.55
CA LEU C 120 30.67 20.42 6.51
C LEU C 120 30.36 21.80 6.00
N ASN C 121 29.43 22.51 6.63
CA ASN C 121 29.10 23.87 6.21
C ASN C 121 28.63 23.90 4.75
N LEU C 122 27.63 23.08 4.44
CA LEU C 122 27.13 23.03 3.09
C LEU C 122 25.73 23.62 3.20
N PRO C 123 25.54 24.86 2.73
CA PRO C 123 24.22 25.50 2.82
C PRO C 123 23.12 24.79 2.01
N GLY C 124 22.04 24.47 2.71
CA GLY C 124 20.92 23.80 2.09
C GLY C 124 20.36 24.60 0.93
N SER C 125 20.31 25.92 1.07
CA SER C 125 19.78 26.77 0.00
C SER C 125 20.48 26.56 -1.36
N ALA C 126 21.77 26.23 -1.34
CA ALA C 126 22.53 25.99 -2.57
C ALA C 126 21.96 24.75 -3.27
N TYR C 127 21.72 23.70 -2.50
CA TYR C 127 21.15 22.48 -3.07
C TYR C 127 19.74 22.79 -3.56
N ILE C 128 18.98 23.53 -2.75
CA ILE C 128 17.64 23.91 -3.12
C ILE C 128 17.67 24.71 -4.42
N ALA C 129 18.65 25.60 -4.56
CA ALA C 129 18.80 26.42 -5.77
C ALA C 129 18.99 25.51 -6.99
N ALA C 130 19.82 24.49 -6.85
CA ALA C 130 20.08 23.56 -7.94
C ALA C 130 18.84 22.77 -8.32
N PHE C 131 18.13 22.27 -7.32
CA PHE C 131 16.94 21.48 -7.59
C PHE C 131 15.76 22.32 -8.07
N THR C 132 15.63 23.53 -7.53
CA THR C 132 14.55 24.40 -7.93
C THR C 132 14.76 24.80 -9.39
N PHE C 133 16.01 25.05 -9.76
CA PHE C 133 16.34 25.40 -11.12
C PHE C 133 15.96 24.28 -12.09
N THR C 134 16.42 23.07 -11.79
CA THR C 134 16.15 21.90 -12.63
C THR C 134 14.66 21.68 -12.80
N ARG C 135 13.90 21.83 -11.72
CA ARG C 135 12.46 21.65 -11.75
C ARG C 135 11.79 22.67 -12.67
N ASP C 136 12.16 23.94 -12.52
CA ASP C 136 11.58 25.02 -13.32
C ASP C 136 12.08 25.05 -14.75
N ARG C 137 13.15 24.31 -15.01
CA ARG C 137 13.77 24.23 -16.32
C ARG C 137 13.03 23.24 -17.21
N LEU C 138 12.39 22.26 -16.58
CA LEU C 138 11.64 21.23 -17.31
C LEU C 138 10.66 21.88 -18.26
N CYS C 139 10.66 21.38 -19.49
CA CYS C 139 9.80 21.91 -20.53
C CYS C 139 9.02 20.74 -21.11
N VAL C 140 7.69 20.77 -20.99
CA VAL C 140 6.83 19.70 -21.51
C VAL C 140 6.03 20.31 -22.66
N PRO C 141 5.88 19.57 -23.78
CA PRO C 141 6.36 18.21 -24.08
C PRO C 141 7.75 18.13 -24.71
N ARG C 142 8.50 19.21 -24.65
CA ARG C 142 9.85 19.26 -25.22
C ARG C 142 10.80 18.20 -24.67
N ASP C 143 10.93 18.15 -23.36
CA ASP C 143 11.83 17.23 -22.66
C ASP C 143 11.28 15.83 -22.36
N MET C 144 9.96 15.77 -22.13
CA MET C 144 9.28 14.51 -21.83
C MET C 144 7.78 14.78 -21.83
N SER C 145 7.00 13.71 -21.75
CA SER C 145 5.56 13.81 -21.75
C SER C 145 5.07 14.49 -20.49
N SER C 146 3.79 14.79 -20.47
CA SER C 146 3.19 15.46 -19.33
C SER C 146 3.36 14.65 -18.06
N GLN C 147 2.91 13.39 -18.11
CA GLN C 147 2.99 12.54 -16.93
C GLN C 147 4.39 12.21 -16.47
N ALA C 148 5.33 12.07 -17.40
CA ALA C 148 6.72 11.82 -17.03
C ALA C 148 7.21 13.09 -16.30
N GLY C 149 6.77 14.24 -16.80
CA GLY C 149 7.13 15.52 -16.22
C GLY C 149 6.58 15.71 -14.82
N VAL C 150 5.34 15.28 -14.60
CA VAL C 150 4.73 15.37 -13.28
C VAL C 150 5.55 14.50 -12.29
N GLU C 151 5.95 13.30 -12.75
CA GLU C 151 6.75 12.37 -11.93
C GLU C 151 8.11 12.93 -11.61
N PHE C 152 8.74 13.55 -12.60
CA PHE C 152 10.06 14.16 -12.45
C PHE C 152 9.97 15.34 -11.48
N THR C 153 8.91 16.12 -11.61
CA THR C 153 8.68 17.29 -10.75
C THR C 153 8.41 16.90 -9.29
N SER C 154 7.55 15.91 -9.07
CA SER C 154 7.24 15.46 -7.72
C SER C 154 8.52 14.98 -7.01
N ALA C 155 9.35 14.22 -7.71
CA ALA C 155 10.59 13.71 -7.16
C ALA C 155 11.44 14.89 -6.72
N LEU C 156 11.60 15.90 -7.59
CA LEU C 156 12.39 17.08 -7.25
C LEU C 156 11.78 17.85 -6.08
N ASP C 157 10.45 18.01 -6.07
CA ASP C 157 9.81 18.71 -4.97
C ASP C 157 9.97 17.95 -3.67
N TYR C 158 10.05 16.63 -3.78
CA TYR C 158 10.24 15.78 -2.63
C TYR C 158 11.63 16.04 -2.04
N VAL C 159 12.65 16.11 -2.90
CA VAL C 159 14.02 16.37 -2.46
C VAL C 159 14.16 17.81 -1.92
N ILE C 160 13.48 18.76 -2.55
CA ILE C 160 13.51 20.14 -2.09
C ILE C 160 12.89 20.24 -0.69
N ASN C 161 11.75 19.59 -0.49
CA ASN C 161 11.07 19.61 0.81
C ASN C 161 11.91 18.98 1.94
N SER C 162 12.85 18.11 1.57
CA SER C 162 13.73 17.44 2.54
C SER C 162 14.78 18.37 3.14
N LEU C 163 15.08 19.47 2.44
CA LEU C 163 16.05 20.45 2.92
C LEU C 163 15.33 21.65 3.54
N CYS C 164 14.01 21.59 3.59
CA CYS C 164 13.16 22.65 4.16
C CYS C 164 12.45 22.12 5.40
N MET D 1 13.47 -4.56 2.71
CA MET D 1 13.40 -5.61 1.69
C MET D 1 13.48 -4.92 0.34
N LEU D 2 13.83 -5.71 -0.67
CA LEU D 2 13.94 -5.24 -2.04
C LEU D 2 12.83 -5.90 -2.88
N ASP D 3 12.57 -5.33 -4.05
CA ASP D 3 11.62 -5.89 -4.99
C ASP D 3 12.37 -5.95 -6.32
N ALA D 4 11.73 -6.42 -7.39
CA ALA D 4 12.39 -6.55 -8.68
C ALA D 4 13.07 -5.24 -9.13
N PHE D 5 12.43 -4.13 -8.82
CA PHE D 5 12.93 -2.82 -9.21
C PHE D 5 14.11 -2.33 -8.39
N SER D 6 14.01 -2.38 -7.07
CA SER D 6 15.12 -1.94 -6.23
C SER D 6 16.33 -2.86 -6.36
N ARG D 7 16.10 -4.13 -6.73
CA ARG D 7 17.20 -5.07 -6.91
C ARG D 7 18.08 -4.53 -8.03
N VAL D 8 17.43 -4.02 -9.08
CA VAL D 8 18.13 -3.45 -10.23
C VAL D 8 18.84 -2.18 -9.75
N VAL D 9 18.15 -1.38 -8.93
CA VAL D 9 18.72 -0.15 -8.38
C VAL D 9 19.97 -0.38 -7.49
N VAL D 10 19.98 -1.41 -6.64
CA VAL D 10 21.17 -1.64 -5.80
C VAL D 10 22.35 -2.09 -6.67
N THR D 11 22.08 -2.85 -7.73
CA THR D 11 23.10 -3.32 -8.66
C THR D 11 23.72 -2.15 -9.45
N SER D 12 22.89 -1.19 -9.83
CA SER D 12 23.39 -0.03 -10.57
C SER D 12 24.18 0.87 -9.63
N ASP D 13 23.65 1.04 -8.41
CA ASP D 13 24.29 1.89 -7.40
C ASP D 13 25.73 1.49 -7.11
N ALA D 14 26.01 0.18 -7.14
CA ALA D 14 27.35 -0.35 -6.88
C ALA D 14 28.32 0.14 -7.95
N LYS D 15 27.79 0.53 -9.10
CA LYS D 15 28.61 1.03 -10.20
C LYS D 15 28.30 2.51 -10.39
N ALA D 16 27.64 3.13 -9.41
CA ALA D 16 27.24 4.54 -9.50
C ALA D 16 26.71 4.85 -10.89
N ALA D 17 25.82 4.00 -11.39
CA ALA D 17 25.26 4.14 -12.72
C ALA D 17 23.77 4.44 -12.67
N TYR D 18 23.33 5.26 -13.60
CA TYR D 18 21.92 5.57 -13.71
C TYR D 18 21.30 4.30 -14.29
N VAL D 19 20.00 4.10 -14.06
CA VAL D 19 19.31 2.94 -14.61
C VAL D 19 18.72 3.38 -15.93
N GLY D 20 18.99 2.61 -16.97
CA GLY D 20 18.47 2.92 -18.28
C GLY D 20 18.84 1.85 -19.27
N GLY D 21 18.34 1.98 -20.50
CA GLY D 21 18.66 1.02 -21.54
C GLY D 21 18.30 -0.42 -21.26
N SER D 22 19.30 -1.29 -21.23
CA SER D 22 19.11 -2.73 -20.99
C SER D 22 18.56 -3.04 -19.63
N ASP D 23 18.80 -2.14 -18.68
CA ASP D 23 18.32 -2.33 -17.31
C ASP D 23 16.80 -2.17 -17.30
N LEU D 24 16.32 -1.09 -17.89
CA LEU D 24 14.89 -0.84 -17.94
C LEU D 24 14.14 -1.94 -18.70
N GLN D 25 14.81 -2.52 -19.69
CA GLN D 25 14.25 -3.59 -20.53
C GLN D 25 13.61 -4.73 -19.74
N SER D 26 14.36 -5.34 -18.83
CA SER D 26 13.79 -6.44 -18.04
C SER D 26 12.67 -5.94 -17.11
N LEU D 27 12.75 -4.71 -16.61
CA LEU D 27 11.71 -4.16 -15.74
C LEU D 27 10.42 -3.90 -16.51
N LYS D 28 10.54 -3.55 -17.79
CA LYS D 28 9.37 -3.33 -18.62
C LYS D 28 8.68 -4.68 -18.90
N SER D 29 9.47 -5.75 -18.93
CA SER D 29 8.92 -7.08 -19.13
C SER D 29 8.18 -7.44 -17.86
N PHE D 30 8.75 -7.09 -16.71
CA PHE D 30 8.13 -7.36 -15.43
C PHE D 30 6.75 -6.70 -15.41
N ILE D 31 6.70 -5.44 -15.81
CA ILE D 31 5.47 -4.68 -15.86
C ILE D 31 4.52 -5.30 -16.88
N ASN D 32 5.09 -5.69 -18.01
CA ASN D 32 4.33 -6.29 -19.11
C ASN D 32 3.65 -7.58 -18.68
N ASP D 33 4.32 -8.36 -17.84
CA ASP D 33 3.76 -9.62 -17.34
C ASP D 33 3.17 -9.47 -15.92
N GLY D 34 2.90 -8.24 -15.51
CA GLY D 34 2.39 -7.95 -14.18
C GLY D 34 1.07 -8.62 -13.86
N ASN D 35 0.16 -8.65 -14.82
CA ASN D 35 -1.13 -9.28 -14.58
C ASN D 35 -0.96 -10.76 -14.34
N LYS D 36 -0.09 -11.41 -15.12
CA LYS D 36 0.15 -12.84 -14.92
C LYS D 36 0.71 -13.07 -13.50
N ARG D 37 1.63 -12.22 -13.06
CA ARG D 37 2.23 -12.34 -11.73
C ARG D 37 1.15 -12.25 -10.65
N LEU D 38 0.23 -11.31 -10.79
CA LEU D 38 -0.86 -11.14 -9.82
C LEU D 38 -1.76 -12.38 -9.78
N ASP D 39 -2.03 -12.99 -10.93
CA ASP D 39 -2.82 -14.22 -10.98
C ASP D 39 -2.06 -15.36 -10.24
N ALA D 40 -0.78 -15.53 -10.54
CA ALA D 40 0.03 -16.55 -9.92
C ALA D 40 -0.03 -16.39 -8.40
N VAL D 41 0.11 -15.16 -7.93
CA VAL D 41 0.04 -14.91 -6.50
C VAL D 41 -1.36 -15.23 -5.98
N ASN D 42 -2.37 -14.79 -6.71
CA ASN D 42 -3.75 -15.03 -6.33
C ASN D 42 -4.01 -16.55 -6.23
N TYR D 43 -3.46 -17.31 -7.17
CA TYR D 43 -3.63 -18.77 -7.18
C TYR D 43 -3.02 -19.41 -5.93
N ILE D 44 -1.85 -18.94 -5.53
CA ILE D 44 -1.23 -19.51 -4.35
C ILE D 44 -2.04 -19.17 -3.11
N VAL D 45 -2.37 -17.87 -2.91
CA VAL D 45 -3.09 -17.46 -1.69
C VAL D 45 -4.50 -18.02 -1.56
N SER D 46 -5.15 -18.19 -2.71
CA SER D 46 -6.52 -18.71 -2.78
C SER D 46 -6.65 -20.19 -2.45
N ASN D 47 -5.53 -20.89 -2.45
CA ASN D 47 -5.49 -22.32 -2.12
C ASN D 47 -4.45 -22.57 -1.05
N ALA D 48 -4.21 -21.56 -0.22
CA ALA D 48 -3.19 -21.68 0.83
C ALA D 48 -3.40 -22.81 1.82
N SER D 49 -4.62 -22.93 2.34
CA SER D 49 -4.93 -23.96 3.33
C SER D 49 -4.72 -25.34 2.70
N CYS D 50 -5.19 -25.49 1.48
CA CYS D 50 -5.04 -26.72 0.74
C CYS D 50 -3.57 -27.07 0.52
N ILE D 51 -2.76 -26.10 0.13
CA ILE D 51 -1.33 -26.34 -0.11
C ILE D 51 -0.58 -26.78 1.16
N VAL D 52 -0.84 -26.08 2.26
CA VAL D 52 -0.15 -26.39 3.52
C VAL D 52 -0.56 -27.73 4.16
N SER D 53 -1.86 -27.94 4.34
CA SER D 53 -2.37 -29.15 4.96
C SER D 53 -1.98 -30.38 4.15
N ASP D 54 -2.04 -30.26 2.83
CA ASP D 54 -1.67 -31.37 1.96
C ASP D 54 -0.16 -31.67 2.04
N ALA D 55 0.68 -30.65 2.11
CA ALA D 55 2.14 -30.84 2.20
C ALA D 55 2.55 -31.38 3.56
N VAL D 56 1.93 -30.88 4.61
CA VAL D 56 2.27 -31.36 5.95
C VAL D 56 1.77 -32.79 6.08
N SER D 57 0.53 -33.04 5.66
CA SER D 57 -0.01 -34.40 5.71
C SER D 57 0.82 -35.32 4.84
N GLY D 58 1.30 -34.81 3.71
CA GLY D 58 2.12 -35.61 2.81
C GLY D 58 3.44 -36.00 3.43
N MET D 59 4.08 -35.05 4.13
CA MET D 59 5.34 -35.28 4.82
C MET D 59 5.13 -36.43 5.84
N ILE D 60 4.01 -36.39 6.53
CA ILE D 60 3.65 -37.38 7.53
C ILE D 60 3.38 -38.77 6.96
N CYS D 61 2.58 -38.87 5.89
CA CYS D 61 2.28 -40.19 5.33
C CYS D 61 3.50 -40.89 4.74
N GLU D 62 4.54 -40.12 4.42
CA GLU D 62 5.77 -40.68 3.90
C GLU D 62 6.73 -41.01 5.05
N ASN D 63 6.52 -40.40 6.19
CA ASN D 63 7.38 -40.61 7.35
C ASN D 63 6.49 -40.65 8.58
N PRO D 64 5.77 -41.77 8.80
CA PRO D 64 4.85 -41.98 9.93
C PRO D 64 5.51 -41.78 11.30
N GLY D 65 6.83 -41.94 11.33
CA GLY D 65 7.58 -41.77 12.57
C GLY D 65 7.44 -40.38 13.14
N LEU D 66 7.02 -39.42 12.30
CA LEU D 66 6.82 -38.04 12.74
C LEU D 66 5.67 -37.92 13.75
N ILE D 67 4.74 -38.86 13.72
CA ILE D 67 3.60 -38.84 14.64
C ILE D 67 3.64 -39.90 15.73
N ALA D 68 4.73 -40.66 15.76
CA ALA D 68 4.94 -41.68 16.79
C ALA D 68 5.44 -40.92 18.00
N PRO D 69 5.35 -41.53 19.20
CA PRO D 69 5.82 -40.87 20.40
C PRO D 69 7.26 -40.41 20.16
N GLY D 70 7.54 -39.16 20.48
CA GLY D 70 8.89 -38.65 20.25
C GLY D 70 9.09 -37.99 18.90
N GLY D 71 8.16 -38.22 17.97
CA GLY D 71 8.26 -37.58 16.66
C GLY D 71 8.02 -36.09 16.79
N MEN D 72 8.54 -35.30 15.86
CA MEN D 72 8.39 -33.86 15.93
C MEN D 72 6.98 -33.32 15.60
O MEN D 72 6.72 -32.13 15.78
CB MEN D 72 9.46 -33.16 15.09
CG MEN D 72 9.86 -31.82 15.69
OD1 MEN D 72 9.73 -30.78 15.04
ND2 MEN D 72 10.39 -31.86 16.92
CE2 MEN D 72 10.64 -30.64 17.67
H MEN D 72 9.03 -35.71 15.12
N CYS D 73 6.10 -34.20 15.14
CA CYS D 73 4.71 -33.80 14.85
C CYS D 73 3.75 -34.45 15.84
N TYR D 74 4.31 -35.12 16.84
CA TYR D 74 3.54 -35.78 17.89
C TYR D 74 3.03 -34.74 18.88
N THR D 75 1.74 -34.86 19.22
CA THR D 75 0.94 -34.00 20.09
C THR D 75 0.38 -32.90 19.21
N ASN D 76 -0.82 -32.43 19.53
CA ASN D 76 -1.45 -31.38 18.74
C ASN D 76 -0.63 -30.08 18.70
N ARG D 77 0.04 -29.78 19.79
CA ARG D 77 0.86 -28.59 19.89
C ARG D 77 1.93 -28.57 18.81
N ARG D 78 2.62 -29.69 18.65
CA ARG D 78 3.65 -29.78 17.63
C ARG D 78 3.07 -29.79 16.23
N MET D 79 1.99 -30.54 16.03
CA MET D 79 1.34 -30.57 14.71
C MET D 79 0.87 -29.14 14.34
N ALA D 80 0.33 -28.42 15.32
CA ALA D 80 -0.12 -27.04 15.10
C ALA D 80 1.07 -26.13 14.72
N ALA D 81 2.19 -26.30 15.42
CA ALA D 81 3.42 -25.53 15.17
C ALA D 81 3.96 -25.85 13.75
N CYS D 82 3.87 -27.12 13.34
CA CYS D 82 4.32 -27.52 12.02
C CYS D 82 3.42 -26.94 10.93
N LEU D 83 2.10 -27.05 11.10
CA LEU D 83 1.16 -26.49 10.13
C LEU D 83 1.42 -24.98 9.99
N ARG D 84 1.65 -24.34 11.13
CA ARG D 84 1.90 -22.90 11.19
C ARG D 84 3.17 -22.54 10.44
N ASP D 85 4.24 -23.32 10.63
CA ASP D 85 5.50 -23.08 9.92
C ASP D 85 5.27 -23.25 8.42
N GLY D 86 4.47 -24.23 8.05
CA GLY D 86 4.18 -24.45 6.65
C GLY D 86 3.53 -23.22 6.04
N GLU D 87 2.55 -22.66 6.76
CA GLU D 87 1.81 -21.50 6.31
C GLU D 87 2.68 -20.25 6.25
N ILE D 88 3.58 -20.10 7.22
CA ILE D 88 4.49 -18.98 7.24
C ILE D 88 5.43 -19.06 6.03
N ILE D 89 5.95 -20.24 5.73
CA ILE D 89 6.86 -20.38 4.59
C ILE D 89 6.12 -20.07 3.29
N LEU D 90 4.91 -20.60 3.13
CA LEU D 90 4.17 -20.31 1.91
C LEU D 90 3.89 -18.80 1.82
N ARG D 91 3.59 -18.18 2.96
CA ARG D 91 3.30 -16.75 3.01
C ARG D 91 4.51 -15.95 2.51
N TYR D 92 5.70 -16.26 2.99
CA TYR D 92 6.91 -15.57 2.53
C TYR D 92 7.26 -15.87 1.07
N VAL D 93 6.97 -17.09 0.60
CA VAL D 93 7.20 -17.41 -0.81
C VAL D 93 6.23 -16.58 -1.67
N SER D 94 4.99 -16.42 -1.21
CA SER D 94 4.01 -15.63 -1.94
C SER D 94 4.43 -14.14 -1.98
N TYR D 95 5.05 -13.67 -0.91
CA TYR D 95 5.54 -12.30 -0.86
C TYR D 95 6.67 -12.19 -1.90
N ALA D 96 7.59 -13.16 -1.91
CA ALA D 96 8.70 -13.13 -2.88
C ALA D 96 8.18 -13.11 -4.32
N LEU D 97 7.16 -13.93 -4.59
CA LEU D 97 6.56 -13.99 -5.91
C LEU D 97 5.89 -12.66 -6.26
N LEU D 98 5.25 -12.01 -5.28
CA LEU D 98 4.60 -10.72 -5.54
C LEU D 98 5.64 -9.62 -5.82
N ALA D 99 6.77 -9.69 -5.14
CA ALA D 99 7.83 -8.70 -5.26
C ALA D 99 8.78 -8.96 -6.42
N GLY D 100 8.82 -10.19 -6.91
CA GLY D 100 9.73 -10.56 -7.98
C GLY D 100 11.17 -10.60 -7.48
N ASP D 101 11.37 -10.88 -6.19
CA ASP D 101 12.70 -10.94 -5.58
C ASP D 101 12.60 -11.71 -4.26
N SER D 102 13.63 -12.48 -3.95
CA SER D 102 13.65 -13.28 -2.74
C SER D 102 14.10 -12.56 -1.46
N SER D 103 14.41 -11.27 -1.58
CA SER D 103 14.84 -10.50 -0.44
C SER D 103 14.00 -10.70 0.85
N VAL D 104 12.69 -10.54 0.76
CA VAL D 104 11.82 -10.67 1.93
C VAL D 104 11.92 -12.04 2.58
N LEU D 105 11.94 -13.07 1.73
CA LEU D 105 12.02 -14.46 2.15
C LEU D 105 13.33 -14.72 2.89
N ASP D 106 14.43 -14.30 2.27
CA ASP D 106 15.76 -14.47 2.82
C ASP D 106 15.92 -13.77 4.14
N ASP D 107 15.56 -12.49 4.17
CA ASP D 107 15.71 -11.66 5.35
C ASP D 107 14.77 -11.94 6.51
N ARG D 108 13.49 -12.02 6.23
CA ARG D 108 12.49 -12.20 7.28
C ARG D 108 12.06 -13.63 7.59
N CYS D 109 12.49 -14.58 6.78
CA CYS D 109 12.08 -15.96 7.00
C CYS D 109 13.22 -16.94 7.09
N LEU D 110 14.01 -17.02 6.02
CA LEU D 110 15.12 -17.96 5.96
C LEU D 110 16.27 -17.62 6.87
N ASN D 111 16.38 -16.34 7.17
CA ASN D 111 17.42 -15.77 8.02
C ASN D 111 17.44 -16.48 9.37
N GLY D 112 18.29 -17.49 9.50
CA GLY D 112 18.40 -18.22 10.76
C GLY D 112 17.38 -19.32 11.02
N LEU D 113 16.68 -19.78 9.97
CA LEU D 113 15.69 -20.82 10.14
C LEU D 113 16.35 -22.16 10.49
N LYS D 114 17.33 -22.57 9.71
CA LYS D 114 18.01 -23.84 9.97
C LYS D 114 18.52 -23.93 11.40
N GLU D 115 19.10 -22.82 11.87
CA GLU D 115 19.65 -22.76 13.23
C GLU D 115 18.58 -23.03 14.25
N THR D 116 17.41 -22.41 14.05
CA THR D 116 16.28 -22.56 14.96
C THR D 116 15.80 -24.02 14.96
N TYR D 117 15.71 -24.60 13.78
CA TYR D 117 15.27 -25.99 13.65
C TYR D 117 16.23 -26.95 14.35
N ILE D 118 17.53 -26.72 14.18
CA ILE D 118 18.55 -27.56 14.78
C ILE D 118 18.46 -27.46 16.30
N ALA D 119 18.26 -26.25 16.80
CA ALA D 119 18.11 -26.02 18.23
C ALA D 119 16.82 -26.65 18.79
N LEU D 120 15.75 -26.61 17.99
CA LEU D 120 14.46 -27.17 18.42
C LEU D 120 14.35 -28.66 18.18
N GLY D 121 15.27 -29.20 17.39
CA GLY D 121 15.22 -30.61 17.09
C GLY D 121 14.19 -30.85 16.00
N VAL D 122 13.82 -29.80 15.27
CA VAL D 122 12.86 -29.93 14.17
C VAL D 122 13.61 -30.62 13.04
N PRO D 123 13.10 -31.76 12.56
CA PRO D 123 13.80 -32.45 11.48
C PRO D 123 13.85 -31.67 10.17
N THR D 124 15.05 -31.22 9.79
CA THR D 124 15.25 -30.45 8.55
C THR D 124 14.91 -31.21 7.27
N ALA D 125 15.25 -32.49 7.22
CA ALA D 125 14.96 -33.27 6.03
C ALA D 125 13.45 -33.43 5.83
N SER D 126 12.69 -33.54 6.92
CA SER D 126 11.22 -33.66 6.82
C SER D 126 10.62 -32.31 6.38
N SER D 127 11.23 -31.22 6.85
CA SER D 127 10.80 -29.88 6.48
C SER D 127 11.02 -29.66 5.00
N SER D 128 12.18 -30.07 4.50
CA SER D 128 12.48 -29.92 3.08
C SER D 128 11.39 -30.61 2.25
N ARG D 129 10.96 -31.80 2.70
CA ARG D 129 9.92 -32.57 2.03
C ARG D 129 8.58 -31.85 2.02
N ALA D 130 8.21 -31.23 3.14
CA ALA D 130 6.94 -30.50 3.20
C ALA D 130 7.01 -29.33 2.21
N VAL D 131 8.17 -28.69 2.15
CA VAL D 131 8.41 -27.57 1.25
C VAL D 131 8.35 -28.04 -0.19
N SER D 132 8.99 -29.16 -0.50
CA SER D 132 8.95 -29.63 -1.88
C SER D 132 7.54 -30.06 -2.30
N ILE D 133 6.72 -30.52 -1.36
CA ILE D 133 5.36 -30.87 -1.75
C ILE D 133 4.58 -29.59 -2.02
N MET D 134 4.84 -28.53 -1.24
CA MET D 134 4.16 -27.26 -1.42
C MET D 134 4.56 -26.70 -2.77
N LYS D 135 5.82 -26.88 -3.12
CA LYS D 135 6.33 -26.42 -4.40
C LYS D 135 5.52 -27.08 -5.50
N ALA D 136 5.37 -28.40 -5.42
CA ALA D 136 4.62 -29.16 -6.40
C ALA D 136 3.22 -28.60 -6.57
N THR D 137 2.51 -28.41 -5.45
CA THR D 137 1.15 -27.92 -5.52
C THR D 137 1.04 -26.49 -6.01
N ALA D 138 1.91 -25.61 -5.51
CA ALA D 138 1.89 -24.22 -5.90
C ALA D 138 2.23 -24.07 -7.37
N THR D 139 3.20 -24.84 -7.87
CA THR D 139 3.54 -24.75 -9.28
C THR D 139 2.38 -25.18 -10.16
N ALA D 140 1.63 -26.19 -9.68
CA ALA D 140 0.46 -26.68 -10.40
C ALA D 140 -0.65 -25.64 -10.45
N PHE D 141 -0.91 -24.98 -9.33
CA PHE D 141 -1.95 -23.95 -9.29
C PHE D 141 -1.58 -22.77 -10.20
N ILE D 142 -0.30 -22.43 -10.22
CA ILE D 142 0.15 -21.32 -11.05
C ILE D 142 -0.13 -21.58 -12.53
N THR D 143 0.09 -22.82 -12.97
CA THR D 143 -0.13 -23.16 -14.37
C THR D 143 -1.54 -23.68 -14.65
N ASN D 144 -2.36 -23.70 -13.60
CA ASN D 144 -3.75 -24.14 -13.68
C ASN D 144 -3.86 -25.62 -14.12
N THR D 145 -2.92 -26.43 -13.66
CA THR D 145 -2.90 -27.86 -13.96
C THR D 145 -3.12 -28.70 -12.68
N ALA D 146 -3.64 -28.05 -11.63
CA ALA D 146 -3.91 -28.76 -10.38
C ALA D 146 -5.03 -29.76 -10.66
N SER D 147 -4.84 -30.99 -10.18
CA SER D 147 -5.78 -32.09 -10.36
C SER D 147 -7.18 -31.91 -9.83
N GLY D 148 -7.30 -31.22 -8.69
CA GLY D 148 -8.61 -31.04 -8.09
C GLY D 148 -9.24 -29.68 -8.26
N ARG D 149 -8.61 -28.81 -9.04
CA ARG D 149 -9.18 -27.49 -9.23
C ARG D 149 -8.68 -26.84 -10.52
N LYS D 150 -9.62 -26.29 -11.29
CA LYS D 150 -9.32 -25.63 -12.55
C LYS D 150 -10.10 -24.32 -12.45
N VAL D 151 -9.51 -23.23 -12.93
CA VAL D 151 -10.18 -21.92 -12.89
C VAL D 151 -10.22 -21.30 -14.28
N GLU D 152 -11.05 -20.29 -14.45
CA GLU D 152 -11.16 -19.57 -15.70
C GLU D 152 -10.09 -18.47 -15.68
N VAL D 153 -9.43 -18.29 -16.81
CA VAL D 153 -8.38 -17.28 -16.96
C VAL D 153 -8.00 -17.22 -18.44
N ALA D 154 -7.49 -16.08 -18.89
CA ALA D 154 -7.06 -15.95 -20.28
C ALA D 154 -5.87 -16.89 -20.41
N ALA D 155 -5.92 -17.84 -21.36
CA ALA D 155 -4.82 -18.78 -21.55
C ALA D 155 -3.54 -18.08 -21.99
N GLY D 156 -2.39 -18.58 -21.54
CA GLY D 156 -1.12 -17.98 -21.89
C GLY D 156 0.01 -18.72 -21.25
N ASP D 157 1.22 -18.30 -21.53
CA ASP D 157 2.42 -18.93 -21.01
C ASP D 157 2.84 -18.39 -19.67
N CYS D 158 2.67 -19.18 -18.62
CA CYS D 158 3.08 -18.77 -17.28
C CYS D 158 4.25 -19.59 -16.81
N GLN D 159 5.00 -20.17 -17.75
CA GLN D 159 6.14 -21.01 -17.42
C GLN D 159 7.21 -20.29 -16.61
N ALA D 160 7.49 -19.04 -16.96
CA ALA D 160 8.50 -18.26 -16.24
C ALA D 160 8.12 -18.01 -14.77
N LEU D 161 6.86 -17.66 -14.52
CA LEU D 161 6.40 -17.43 -13.16
C LEU D 161 6.45 -18.69 -12.31
N GLN D 162 6.12 -19.83 -12.91
CA GLN D 162 6.14 -21.06 -12.15
C GLN D 162 7.57 -21.48 -11.85
N ALA D 163 8.49 -21.25 -12.78
CA ALA D 163 9.89 -21.57 -12.54
C ALA D 163 10.41 -20.62 -11.43
N GLU D 164 9.93 -19.39 -11.42
CA GLU D 164 10.32 -18.41 -10.42
C GLU D 164 9.80 -18.83 -9.05
N ALA D 165 8.51 -19.16 -8.99
CA ALA D 165 7.90 -19.60 -7.74
C ALA D 165 8.69 -20.81 -7.27
N ALA D 166 8.97 -21.74 -8.19
CA ALA D 166 9.73 -22.95 -7.87
C ALA D 166 11.09 -22.59 -7.29
N SER D 167 11.76 -21.59 -7.85
CA SER D 167 13.07 -21.19 -7.34
C SER D 167 12.97 -20.71 -5.90
N TYR D 168 11.84 -20.08 -5.53
CA TYR D 168 11.70 -19.61 -4.15
C TYR D 168 11.59 -20.79 -3.18
N PHE D 169 10.79 -21.79 -3.53
CA PHE D 169 10.65 -22.97 -2.67
C PHE D 169 12.00 -23.69 -2.55
N ASP D 170 12.75 -23.74 -3.65
CA ASP D 170 14.05 -24.40 -3.66
C ASP D 170 15.03 -23.66 -2.75
N LYS D 171 14.90 -22.34 -2.68
CA LYS D 171 15.79 -21.54 -1.84
C LYS D 171 15.55 -21.91 -0.39
N VAL D 172 14.27 -21.99 -0.01
CA VAL D 172 13.87 -22.34 1.35
C VAL D 172 14.44 -23.72 1.63
N GLY D 173 14.17 -24.66 0.74
CA GLY D 173 14.63 -26.01 0.91
C GLY D 173 16.12 -26.12 1.12
N SER D 174 16.90 -25.41 0.30
CA SER D 174 18.36 -25.47 0.40
C SER D 174 18.92 -24.70 1.59
N SER D 175 18.15 -23.78 2.16
CA SER D 175 18.68 -23.08 3.30
C SER D 175 18.34 -23.86 4.57
N ILE D 176 17.36 -24.75 4.47
CA ILE D 176 16.91 -25.56 5.61
C ILE D 176 17.77 -26.80 5.84
N ASP D 177 18.06 -27.53 4.77
CA ASP D 177 18.86 -28.74 4.87
C ASP D 177 19.90 -28.66 3.79
N GLY E 1 1.46 10.09 25.32
CA GLY E 1 0.00 10.33 25.23
C GLY E 1 -0.33 10.06 23.79
N TYR E 2 -0.07 11.05 22.94
CA TYR E 2 -0.29 10.93 21.51
C TYR E 2 0.55 9.79 20.95
N UNK E 3 1.75 9.72 21.33
N TYR E 5 12.84 -14.20 17.87
CA TYR E 5 12.49 -14.35 16.43
C TYR E 5 11.58 -13.19 16.06
N UNK E 6 10.41 -13.19 16.51
CHC PEB F . -22.93 -15.31 12.78
NC PEB F . -24.60 -16.94 13.84
C1C PEB F . -25.18 -17.04 15.09
C2C PEB F . -24.76 -16.04 15.97
C3C PEB F . -23.84 -15.25 15.24
C4C PEB F . -23.77 -15.81 13.93
CMC PEB F . -23.05 -14.06 15.76
CAC PEB F . -25.17 -15.84 17.40
CBC PEB F . -26.36 -14.91 17.47
CGC PEB F . -27.60 -15.49 16.84
O1C PEB F . -28.02 -15.00 15.78
O2C PEB F . -28.18 -16.43 17.41
ND PEB F . -24.14 -13.12 12.90
C1D PEB F . -23.64 -14.17 12.02
C2D PEB F . -22.73 -13.51 11.03
C3D PEB F . -22.75 -12.11 11.30
C4D PEB F . -23.63 -11.89 12.49
CMD PEB F . -21.96 -14.18 9.94
CAD PEB F . -22.07 -11.15 10.57
CBD PEB F . -22.17 -9.81 10.86
OD PEB F . -23.87 -10.79 13.05
NA PEB F . -26.99 -23.29 10.97
C1A PEB F . -26.48 -24.50 10.53
C2A PEB F . -25.25 -24.22 9.78
C3A PEB F . -25.09 -22.71 9.88
C4A PEB F . -26.03 -22.32 10.98
CMA PEB F . -24.05 -24.93 10.41
CBA PEB F . -24.50 -22.38 7.40
OA PEB F . -27.11 -25.56 10.43
CHA PEB F . -26.23 -21.02 11.35
CAA PEB F . -25.46 -22.04 8.55
NB PEB F . -25.95 -19.35 13.06
C1B PEB F . -26.51 -20.51 12.57
C2B PEB F . -27.40 -21.04 13.59
C3B PEB F . -27.34 -20.15 14.66
C4B PEB F . -26.41 -19.09 14.33
CHB PEB F . -26.04 -18.10 15.19
CMB PEB F . -28.24 -22.27 13.54
CAB PEB F . -28.09 -20.31 15.92
CBB PEB F . -27.32 -21.33 16.73
CGB PEB F . -28.07 -21.79 17.96
O1B PEB F . -27.99 -22.99 18.29
O2B PEB F . -28.73 -20.96 18.61
HND PEB F . -25.12 -13.10 12.87
HNA PEB F . -27.93 -23.18 11.24
HNB PEB F . -25.33 -18.75 12.65
CHC PEB G . -25.51 -18.26 -9.31
NC PEB G . -26.82 -19.40 -11.14
C1C PEB G . -28.16 -19.55 -11.40
C2C PEB G . -28.99 -18.98 -10.48
C3C PEB G . -28.15 -18.40 -9.53
C4C PEB G . -26.79 -18.67 -9.97
CMC PEB G . -28.56 -17.67 -8.28
CAC PEB G . -30.49 -18.95 -10.54
CBC PEB G . -30.98 -17.72 -11.29
CGC PEB G . -30.69 -17.78 -12.79
O1C PEB G . -29.91 -16.96 -13.29
O2C PEB G . -31.26 -18.67 -13.46
ND PEB G . -25.85 -15.94 -10.09
C1D PEB G . -24.87 -17.03 -9.92
C2D PEB G . -23.82 -16.51 -9.02
C3D PEB G . -24.06 -15.10 -8.87
C4D PEB G . -25.34 -14.79 -9.59
CMD PEB G . -22.72 -17.31 -8.41
CAD PEB G . -23.25 -14.22 -8.16
CBD PEB G . -23.54 -12.89 -8.04
OD PEB G . -25.88 -13.68 -9.69
NA PEB G . -24.66 -23.93 -15.53
C1A PEB G . -24.01 -24.91 -16.25
C2A PEB G . -22.73 -24.33 -16.74
C3A PEB G . -22.63 -23.03 -16.00
C4A PEB G . -24.03 -22.71 -15.66
CMA PEB G . -21.54 -25.23 -16.40
CBA PEB G . -20.47 -22.08 -16.95
OA PEB G . -24.34 -26.10 -16.31
CHA PEB G . -24.46 -21.59 -15.05
CAA PEB G . -21.99 -21.97 -16.88
NB PEB G . -26.17 -20.82 -13.48
C1B PEB G . -25.75 -21.46 -14.64
C2B PEB G . -26.93 -21.91 -15.35
C3B PEB G . -28.04 -21.50 -14.60
C4B PEB G . -27.55 -20.82 -13.44
CHB PEB G . -28.39 -20.26 -12.53
CMB PEB G . -27.01 -22.66 -16.67
CAB PEB G . -29.49 -21.73 -14.95
CBB PEB G . -29.88 -23.20 -14.78
CGB PEB G . -29.12 -23.91 -13.68
O1B PEB G . -28.10 -24.59 -13.99
O2B PEB G . -29.53 -23.79 -12.52
HND PEB G . -26.06 -15.83 -11.03
HNA PEB G . -25.46 -24.10 -14.99
HNB PEB G . -25.61 -20.44 -12.80
CHC PEB H . 0.03 18.33 19.33
NC PEB H . 1.61 20.03 20.37
C1C PEB H . 2.42 20.03 21.47
C2C PEB H . 2.44 18.79 22.15
C3C PEB H . 1.56 17.97 21.41
C4C PEB H . 1.06 18.76 20.34
CMC PEB H . 1.19 16.53 21.71
CAC PEB H . 3.18 18.44 23.43
CBC PEB H . 4.53 17.79 23.16
CGC PEB H . 5.41 18.63 22.24
O1C PEB H . 5.76 18.13 21.15
O2C PEB H . 5.74 19.77 22.60
ND PEB H . 1.47 16.50 18.42
C1D PEB H . 0.63 17.67 18.09
C2D PEB H . -0.41 17.17 17.16
C3D PEB H . -0.20 15.78 16.98
C4D PEB H . 0.98 15.40 17.73
CMD PEB H . -1.49 18.00 16.52
CAD PEB H . -1.00 14.97 16.22
CBD PEB H . -0.74 13.63 16.08
OD PEB H . 1.46 14.27 17.80
NA PEB H . 1.84 27.26 19.45
C1A PEB H . 1.27 28.46 19.05
C2A PEB H . 0.58 28.26 17.71
C3A PEB H . 0.65 26.76 17.47
C4A PEB H . 1.48 26.20 18.63
CMA PEB H . -0.88 28.74 17.76
CBA PEB H . 0.46 26.78 14.89
OA PEB H . 1.44 29.57 19.63
CHA PEB H . 1.85 24.90 18.73
CAA PEB H . 1.32 26.48 16.12
NB PEB H . 2.19 22.91 20.06
C1B PEB H . 2.45 24.24 19.76
C2B PEB H . 3.51 24.69 20.70
C3B PEB H . 3.81 23.58 21.53
C4B PEB H . 2.99 22.46 21.10
CHB PEB H . 3.04 21.22 21.68
CMB PEB H . 4.21 26.02 20.79
CAB PEB H . 4.82 23.56 22.67
CBB PEB H . 4.15 24.00 23.96
CGB PEB H . 5.15 24.36 25.04
O1B PEB H . 5.76 23.45 25.61
O2B PEB H . 5.32 25.55 25.32
HND PEB H . 2.40 16.68 18.15
HNA PEB H . 2.41 27.22 20.24
HNB PEB H . 1.55 22.35 19.64
CHC PEB I . -2.10 12.71 -12.57
NC PEB I . -4.10 13.70 -13.79
C1C PEB I . -4.81 13.34 -14.92
C2C PEB I . -4.40 12.16 -15.51
C3C PEB I . -3.33 11.69 -14.68
C4C PEB I . -3.16 12.69 -13.63
CMC PEB I . -2.56 10.39 -14.85
CAC PEB I . -5.02 11.55 -16.77
CBC PEB I . -3.99 11.21 -17.86
CGC PEB I . -3.38 12.44 -18.55
O1C PEB I . -3.88 13.56 -18.35
O2C PEB I . -2.38 12.26 -19.29
ND PEB I . -2.79 10.49 -11.62
C1D PEB I . -2.44 11.87 -11.28
C2D PEB I . -1.27 11.78 -10.35
C3D PEB I . -0.92 10.36 -10.25
C4D PEB I . -1.88 9.61 -11.04
CMD PEB I . -0.57 12.90 -9.64
CAD PEB I . 0.13 9.84 -9.53
CBD PEB I . 0.36 8.48 -9.50
OD PEB I . -1.90 8.40 -11.19
NA PEB I . -6.76 20.10 -13.40
C1A PEB I . -7.04 21.42 -13.12
C2A PEB I . -6.84 21.66 -11.67
C3A PEB I . -6.46 20.29 -11.10
C4A PEB I . -6.69 19.33 -12.27
CMA PEB I . -5.72 22.67 -11.49
CBA PEB I . -6.84 18.81 -9.02
OA PEB I . -7.15 22.31 -13.96
CHA PEB I . -6.43 17.99 -12.25
CAA PEB I . -7.35 19.95 -9.88
NB PEB I . -5.83 16.07 -13.57
C1B PEB I . -6.61 17.18 -13.32
C2B PEB I . -7.63 17.24 -14.38
C3B PEB I . -7.38 16.15 -15.24
C4B PEB I . -6.26 15.39 -14.69
CHB PEB I . -5.81 14.22 -15.23
CMB PEB I . -8.75 18.24 -14.53
CAB PEB I . -8.14 15.82 -16.48
CBB PEB I . -9.54 15.34 -16.14
CGB PEB I . -9.58 13.90 -15.67
O1B PEB I . -10.44 13.57 -14.81
O2B PEB I . -8.74 13.10 -16.16
HND PEB I . -3.69 10.27 -11.29
HNA PEB I . -6.62 19.76 -14.31
HNB PEB I . -5.09 15.71 -13.14
CHC PUB J . 0.79 34.70 5.16
NC PUB J . -0.47 33.70 3.20
C1C PUB J . -1.76 33.76 2.74
C2C PUB J . -2.57 34.62 3.46
C3C PUB J . -1.78 35.11 4.51
C4C PUB J . -0.43 34.52 4.30
CMC PUB J . -2.23 36.01 5.64
CAC PUB J . -4.00 34.96 3.16
CBC PUB J . -4.87 34.28 4.17
CGC PUB J . -6.33 34.24 3.78
O1C PUB J . -6.64 34.21 2.57
O2C PUB J . -7.17 34.24 4.70
ND PUB J . 0.70 37.21 5.03
C1D PUB J . 1.59 36.05 4.88
C2D PUB J . 2.68 36.29 5.92
C3D PUB J . 2.44 37.63 6.50
C4D PUB J . 1.24 38.15 5.93
CMD PUB J . 3.79 35.34 6.31
CBD PUB J . 3.76 39.66 6.92
OD PUB J . 0.75 39.25 6.20
NA PUB J . 2.62 31.70 -1.64
C1A PUB J . 3.18 31.05 -2.73
C2A PUB J . 4.21 30.11 -2.24
C3A PUB J . 4.08 30.02 -0.80
C4A PUB J . 2.92 30.90 -0.44
CMA PUB J . 5.23 29.34 -3.11
CBA PUB J . 6.41 29.69 0.03
OA PUB J . 2.94 31.33 -3.90
CHA PUB J . 1.71 30.11 0.00
CAA PUB J . 4.93 29.26 0.16
CAD PUB J . 3.27 38.35 7.52
NB PUB J . 0.11 31.76 1.04
C1B PUB J . 0.50 30.98 -0.02
C2B PUB J . -0.56 30.89 -0.93
C3B PUB J . -1.63 31.67 -0.40
C4B PUB J . -1.19 32.20 0.86
CHB PUB J . -1.99 32.91 1.71
CMB PUB J . -0.56 30.08 -2.19
CAB PUB J . -2.96 31.93 -1.05
CBB PUB J . -2.93 33.29 -1.75
CGB PUB J . -2.19 33.24 -3.08
O1B PUB J . -2.84 32.95 -4.11
O2B PUB J . -0.96 33.49 -3.09
HND PUB J . 0.57 37.63 4.16
HNA PUB J . 1.66 31.79 -1.77
HNB PUB J . 0.66 32.00 1.80
CHC PEB K . 26.90 14.26 -0.11
NC PEB K . 28.96 15.74 0.06
C1C PEB K . 30.14 15.71 0.79
C2C PEB K . 30.24 14.56 1.64
C3C PEB K . 29.03 13.84 1.41
C4C PEB K . 28.27 14.60 0.43
CMC PEB K . 28.61 12.53 2.07
CAC PEB K . 31.38 14.20 2.55
CBC PEB K . 32.39 13.37 1.78
CGC PEB K . 33.09 14.13 0.67
O1C PEB K . 32.80 13.87 -0.51
O2C PEB K . 33.93 14.99 0.97
ND PEB K . 27.80 12.05 -0.92
C1D PEB K . 26.96 13.21 -1.25
C2D PEB K . 25.61 12.68 -1.61
C3D PEB K . 25.73 11.24 -1.65
C4D PEB K . 27.10 10.91 -1.19
CMD PEB K . 24.36 13.48 -1.89
CAD PEB K . 24.74 10.37 -2.07
CBD PEB K . 24.96 9.01 -2.16
OD PEB K . 27.55 9.82 -1.07
NA PEB K . 29.63 22.69 -2.49
C1A PEB K . 28.99 23.90 -2.47
C2A PEB K . 27.54 23.69 -2.46
C3A PEB K . 27.38 22.19 -2.52
C4A PEB K . 28.77 21.64 -2.22
CMA PEB K . 26.95 24.23 -1.18
CBA PEB K . 25.46 22.12 -4.16
OA PEB K . 29.51 24.98 -2.69
CHA PEB K . 29.06 20.32 -2.20
CAA PEB K . 26.91 21.77 -3.92
NB PEB K . 29.73 18.38 -0.91
C1B PEB K . 29.97 19.64 -1.44
C2B PEB K . 31.32 20.02 -1.05
C3B PEB K . 31.85 18.94 -0.32
C4B PEB K . 30.83 17.92 -0.21
CHB PEB K . 30.95 16.79 0.53
CMB PEB K . 32.05 21.32 -1.33
CAB PEB K . 33.20 18.91 0.28
CBB PEB K . 33.16 19.73 1.58
CGB PEB K . 34.49 19.80 2.28
O1B PEB K . 35.19 18.77 2.33
O2B PEB K . 34.83 20.88 2.78
HND PEB K . 28.63 12.07 -1.46
HNA PEB K . 30.58 22.59 -2.68
HNB PEB K . 28.93 17.87 -1.00
CHC PEB L . 16.74 20.74 -19.34
NC PEB L . 16.70 22.27 -21.38
C1C PEB L . 17.65 22.62 -22.30
C2C PEB L . 18.84 21.98 -22.14
C3C PEB L . 18.68 21.15 -21.05
C4C PEB L . 17.36 21.35 -20.57
CMC PEB L . 19.71 20.24 -20.50
CAC PEB L . 20.05 22.13 -22.98
CBC PEB L . 20.05 21.01 -23.99
CGC PEB L . 18.93 21.15 -24.98
O1C PEB L . 18.06 20.25 -25.04
O2C PEB L . 18.91 22.17 -25.69
ND PEB L . 16.58 18.52 -20.37
C1D PEB L . 15.88 19.55 -19.61
C2D PEB L . 15.45 18.91 -18.30
C3D PEB L . 15.67 17.49 -18.46
C4D PEB L . 16.34 17.29 -19.76
CMD PEB L . 14.89 19.63 -17.04
CAD PEB L . 15.30 16.54 -17.52
CBD PEB L . 15.54 15.19 -17.69
OD PEB L . 16.69 16.20 -20.23
NA PEB L . 11.58 25.51 -24.94
C1A PEB L . 10.40 25.94 -25.51
C2A PEB L . 9.46 26.32 -24.43
C3A PEB L . 10.28 26.24 -23.14
C4A PEB L . 11.69 25.84 -23.60
CMA PEB L . 8.90 27.73 -24.65
CBA PEB L . 8.46 25.73 -21.43
OA PEB L . 10.05 25.76 -26.71
CHA PEB L . 12.75 25.53 -22.80
CAA PEB L . 9.67 25.21 -22.19
NB PEB L . 14.85 24.27 -22.72
C1B PEB L . 14.00 25.23 -23.25
C2B PEB L . 14.72 25.86 -24.38
C3B PEB L . 15.96 25.25 -24.47
C4B PEB L . 16.06 24.26 -23.39
CHB PEB L . 17.21 23.56 -23.19
CMB PEB L . 14.27 27.01 -25.26
CAB PEB L . 16.99 25.55 -25.52
CBB PEB L . 17.62 26.91 -25.25
CGB PEB L . 18.28 27.00 -23.89
O1B PEB L . 17.81 27.82 -23.06
O2B PEB L . 19.26 26.25 -23.66
HND PEB L . 16.25 18.50 -21.30
HNA PEB L . 12.27 25.01 -25.43
HNB PEB L . 14.65 23.70 -21.97
CHC PEB M . 9.98 -21.07 13.03
NC PEB M . 9.18 -22.98 14.50
C1C PEB M . 9.11 -23.19 15.86
C2C PEB M . 9.53 -22.09 16.63
C3C PEB M . 9.89 -21.09 15.67
C4C PEB M . 9.67 -21.69 14.37
CMC PEB M . 10.44 -19.70 15.96
CAC PEB M . 9.64 -22.06 18.14
CBC PEB M . 8.44 -21.39 18.77
CGC PEB M . 7.12 -22.00 18.32
O1C PEB M . 6.84 -23.17 18.65
O2C PEB M . 6.35 -21.30 17.63
ND PEB M . 8.28 -19.21 13.41
C1D PEB M . 8.76 -20.25 12.49
C2D PEB M . 9.11 -19.57 11.22
C3D PEB M . 8.93 -18.20 11.40
C4D PEB M . 8.41 -17.99 12.77
CMD PEB M . 9.57 -20.23 9.94
CAD PEB M . 9.19 -17.25 10.43
CBD PEB M . 9.00 -15.89 10.58
OD PEB M . 8.15 -16.94 13.28
NA PEB M . 8.17 -30.00 12.79
C1A PEB M . 8.15 -31.10 11.94
C2A PEB M . 7.92 -30.64 10.54
C3A PEB M . 7.86 -29.13 10.64
C4A PEB M . 7.86 -28.84 12.12
CMA PEB M . 9.06 -31.07 9.63
CBA PEB M . 6.64 -28.60 8.45
OA PEB M . 8.39 -32.27 12.28
CHA PEB M . 7.80 -27.57 12.61
CAA PEB M . 6.59 -28.60 9.97
NB PEB M . 8.37 -25.82 14.15
C1B PEB M . 7.92 -27.09 13.88
C2B PEB M . 7.55 -27.70 15.17
C3B PEB M . 7.80 -26.74 16.13
C4B PEB M . 8.30 -25.54 15.49
CHB PEB M . 8.64 -24.43 16.18
CMB PEB M . 6.98 -29.06 15.45
CAB PEB M . 7.56 -26.90 17.61
CBB PEB M . 8.79 -27.49 18.29
CGB PEB M . 8.50 -27.94 19.70
O1B PEB M . 7.74 -27.25 20.39
O2B PEB M . 9.01 -28.99 20.14
HND PEB M . 7.34 -19.37 13.64
HNA PEB M . 8.38 -30.05 13.73
HNB PEB M . 8.70 -25.17 13.53
CHC PEB N . -5.89 -10.62 -13.38
NC PEB N . -4.94 -11.33 -15.64
C1C PEB N . -4.89 -10.71 -16.87
C2C PEB N . -5.42 -9.47 -16.93
C3C PEB N . -5.90 -9.21 -15.66
C4C PEB N . -5.59 -10.40 -14.84
CMC PEB N . -6.61 -7.93 -15.24
CAC PEB N . -5.43 -8.58 -18.13
CBC PEB N . -6.14 -9.29 -19.25
CGC PEB N . -7.59 -8.89 -19.35
O1C PEB N . -8.44 -9.61 -18.78
O2C PEB N . -7.85 -7.85 -19.99
ND PEB N . -4.62 -8.51 -12.72
C1D PEB N . -4.85 -9.93 -12.40
C2D PEB N . -5.33 -9.94 -10.95
C3D PEB N . -5.40 -8.58 -10.50
C4D PEB N . -4.96 -7.70 -11.60
CMD PEB N . -5.65 -11.12 -10.13
CAD PEB N . -5.84 -8.19 -9.26
CBD PEB N . -5.88 -6.87 -8.86
OD PEB N . -4.87 -6.47 -11.56
NA PEB N . -3.04 -17.60 -17.58
C1A PEB N . -2.79 -18.95 -17.65
C2A PEB N . -2.04 -19.36 -16.44
C3A PEB N . -1.86 -18.07 -15.65
C4A PEB N . -2.29 -16.98 -16.60
CMA PEB N . -2.82 -20.38 -15.65
CBA PEB N . -0.25 -17.11 -13.96
OA PEB N . -3.32 -19.71 -18.42
CHA PEB N . -2.33 -15.65 -16.32
CAA PEB N . -0.40 -17.90 -15.22
NB PEB N . -3.51 -13.58 -16.78
C1B PEB N . -2.78 -14.69 -17.17
C2B PEB N . -2.56 -14.53 -18.64
C3B PEB N . -3.19 -13.29 -19.01
C4B PEB N . -3.73 -12.72 -17.83
CHB PEB N . -4.30 -11.49 -17.83
CMB PEB N . -1.80 -15.46 -19.57
CAB PEB N . -3.36 -12.68 -20.41
CBB PEB N . -2.07 -12.13 -21.01
CGB PEB N . -1.51 -10.99 -20.22
O1B PEB N . -2.29 -10.07 -19.83
O2B PEB N . -0.28 -11.01 -19.98
HND PEB N . -3.69 -8.37 -12.97
HNA PEB N . -3.68 -17.13 -18.15
HNB PEB N . -3.89 -13.26 -15.99
CHC PUB O . 0.66 -35.14 -0.54
NC PUB O . 0.63 -33.87 -2.72
C1C PUB O . 1.46 -33.83 -3.83
C2C PUB O . 2.50 -34.75 -3.78
C3C PUB O . 2.36 -35.43 -2.57
C4C PUB O . 1.16 -34.85 -1.92
CMC PUB O . 3.28 -36.50 -2.06
CAC PUB O . 3.57 -34.98 -4.80
CBC PUB O . 4.72 -34.01 -4.52
CGC PUB O . 5.90 -34.19 -5.47
O1C PUB O . 6.98 -34.58 -5.01
O2C PUB O . 5.72 -33.93 -6.68
ND PUB O . 0.28 -37.47 -1.24
C1D PUB O . -0.33 -36.31 -0.57
C2D PUB O . -0.68 -36.77 0.79
C3D PUB O . -0.14 -38.09 0.94
C4D PUB O . 0.44 -38.49 -0.30
CMD PUB O . -1.47 -36.01 1.81
CBD PUB O . -1.08 -40.15 1.94
OD PUB O . 0.98 -39.60 -0.52
NA PUB O . -4.50 -31.06 -4.90
C1A PUB O . -5.57 -30.30 -5.33
C2A PUB O . -6.10 -29.54 -4.21
C3A PUB O . -5.21 -29.74 -3.07
C4A PUB O . -4.14 -30.65 -3.54
CMA PUB O . -7.37 -28.68 -4.24
CBA PUB O . -6.60 -29.67 -1.04
OA PUB O . -6.05 -30.32 -6.48
CHA PUB O . -2.76 -29.96 -3.47
CAA PUB O . -5.33 -29.16 -1.70
CAD PUB O . -0.15 -38.97 2.18
NB PUB O . -0.85 -31.61 -3.80
C1B PUB O . -1.75 -30.69 -4.31
C2B PUB O . -1.43 -30.46 -5.68
C3B PUB O . -0.32 -31.27 -6.00
C4B PUB O . 0.04 -32.00 -4.77
CHB PUB O . 1.09 -32.86 -4.71
CMB PUB O . -2.14 -29.53 -6.62
CAB PUB O . 0.34 -31.38 -7.34
CBB PUB O . -0.25 -32.59 -8.12
CGB PUB O . -1.75 -32.48 -8.34
O1B PUB O . -2.17 -31.75 -9.26
O2B PUB O . -2.52 -33.12 -7.60
HND PUB O . -0.28 -37.77 -1.98
HNA PUB O . -3.74 -30.95 -5.50
HNB PUB O . -0.81 -31.96 -2.93
#